data_1XIQ
#
_entry.id   1XIQ
#
_cell.length_a   68.593
_cell.length_b   112.424
_cell.length_c   68.590
_cell.angle_alpha   90.00
_cell.angle_beta   119.05
_cell.angle_gamma   90.00
#
_symmetry.space_group_name_H-M   'P 1 21 1'
#
_entity_poly.entity_id   1
_entity_poly.type   'polypeptide(L)'
_entity_poly.pdbx_seq_one_letter_code
;MAHHHHHHMEKSFIMIKPDGVQRGLVGTIIKRFEKKGYKLIAIKMLNPTEEILKEHYKELSDQPFFKNLVAYISKGPVVA
MVWEGVDMVKQGRKLIGETNPLTSNTGTIRGDFCLEVSKNVIHGSDSVASANKEINIWFKAEELTQWKHHMKEWICS
;
_entity_poly.pdbx_strand_id   A,B,C,D,E,F
#
# COMPACT_ATOMS: atom_id res chain seq x y z
N MET A 9 14.69 -18.03 20.85
CA MET A 9 13.81 -16.84 21.02
C MET A 9 12.36 -17.23 21.32
N GLU A 10 11.57 -16.25 21.78
CA GLU A 10 10.14 -16.40 22.09
C GLU A 10 9.29 -16.75 20.85
N LYS A 11 8.51 -17.82 20.95
CA LYS A 11 7.64 -18.27 19.85
C LYS A 11 6.16 -18.10 20.17
N SER A 12 5.37 -17.73 19.16
CA SER A 12 3.92 -17.65 19.30
C SER A 12 3.19 -18.36 18.17
N PHE A 13 2.00 -18.86 18.45
CA PHE A 13 1.19 -19.51 17.43
C PHE A 13 0.13 -18.57 16.89
N ILE A 14 0.25 -18.27 15.59
CA ILE A 14 -0.69 -17.39 14.94
C ILE A 14 -1.43 -18.12 13.83
N MET A 15 -2.76 -18.07 13.87
CA MET A 15 -3.54 -18.85 12.93
C MET A 15 -4.58 -17.98 12.26
N ILE A 16 -4.50 -17.87 10.94
CA ILE A 16 -5.52 -17.18 10.20
C ILE A 16 -6.75 -18.09 10.10
N LYS A 17 -7.83 -17.66 10.74
CA LYS A 17 -9.10 -18.40 10.71
C LYS A 17 -9.71 -18.43 9.30
N PRO A 18 -10.75 -19.24 9.07
CA PRO A 18 -11.30 -19.44 7.73
C PRO A 18 -11.76 -18.14 7.07
N ASP A 19 -12.38 -17.24 7.83
CA ASP A 19 -12.86 -15.99 7.30
C ASP A 19 -11.73 -15.06 6.86
N GLY A 20 -10.56 -15.25 7.45
CA GLY A 20 -9.37 -14.54 7.01
C GLY A 20 -8.94 -15.00 5.63
N VAL A 21 -8.99 -16.31 5.40
CA VAL A 21 -8.58 -16.88 4.12
C VAL A 21 -9.61 -16.51 3.05
N GLN A 22 -10.88 -16.49 3.44
CA GLN A 22 -11.99 -16.24 2.52
C GLN A 22 -11.92 -14.84 1.95
N ARG A 23 -11.56 -13.91 2.81
CA ARG A 23 -11.48 -12.49 2.50
C ARG A 23 -10.13 -12.09 1.88
N GLY A 24 -9.26 -13.08 1.66
CA GLY A 24 -7.97 -12.84 1.05
C GLY A 24 -7.09 -11.95 1.90
N LEU A 25 -6.92 -12.30 3.17
CA LEU A 25 -6.14 -11.48 4.08
C LEU A 25 -4.84 -12.18 4.49
N VAL A 26 -4.57 -13.32 3.88
CA VAL A 26 -3.38 -14.11 4.22
C VAL A 26 -2.11 -13.30 4.01
N GLY A 27 -1.86 -12.87 2.78
CA GLY A 27 -0.71 -12.03 2.50
C GLY A 27 -0.57 -10.78 3.38
N THR A 28 -1.63 -9.98 3.41
CA THR A 28 -1.74 -8.79 4.27
C THR A 28 -1.32 -9.08 5.70
N ILE A 29 -1.88 -10.12 6.31
CA ILE A 29 -1.54 -10.48 7.68
C ILE A 29 -0.05 -10.82 7.80
N ILE A 30 0.43 -11.68 6.91
CA ILE A 30 1.83 -12.05 6.93
C ILE A 30 2.72 -10.81 6.80
N LYS A 31 2.50 -10.01 5.76
CA LYS A 31 3.27 -8.77 5.60
C LYS A 31 3.34 -7.95 6.91
N ARG A 32 2.24 -7.87 7.65
CA ARG A 32 2.21 -7.07 8.86
C ARG A 32 3.23 -7.62 9.84
N PHE A 33 3.32 -8.95 9.89
CA PHE A 33 4.20 -9.62 10.84
C PHE A 33 5.63 -9.54 10.38
N GLU A 34 5.84 -9.65 9.07
CA GLU A 34 7.16 -9.53 8.47
C GLU A 34 7.77 -8.17 8.79
N LYS A 35 6.98 -7.11 8.55
CA LYS A 35 7.43 -5.72 8.61
C LYS A 35 7.79 -5.31 10.05
N LYS A 36 7.24 -6.06 10.99
CA LYS A 36 7.48 -5.86 12.42
C LYS A 36 8.88 -6.34 12.81
N GLY A 37 9.52 -7.12 11.94
CA GLY A 37 10.85 -7.65 12.17
C GLY A 37 10.83 -9.05 12.76
N TYR A 38 9.70 -9.72 12.63
CA TYR A 38 9.51 -11.05 13.18
C TYR A 38 9.85 -12.14 12.18
N LYS A 39 10.08 -13.34 12.73
CA LYS A 39 10.64 -14.47 12.00
C LYS A 39 9.62 -15.59 11.81
N LEU A 40 9.15 -15.78 10.58
CA LEU A 40 8.27 -16.91 10.30
C LEU A 40 9.13 -18.18 10.26
N ILE A 41 8.77 -19.16 11.09
CA ILE A 41 9.52 -20.42 11.16
C ILE A 41 8.68 -21.65 10.79
N ALA A 42 7.36 -21.50 10.78
CA ALA A 42 6.46 -22.56 10.32
C ALA A 42 5.15 -22.02 9.84
N ILE A 43 4.67 -22.60 8.73
CA ILE A 43 3.40 -22.26 8.10
C ILE A 43 2.80 -23.49 7.38
N LYS A 44 1.49 -23.63 7.44
CA LYS A 44 0.83 -24.82 6.96
C LYS A 44 -0.63 -24.52 6.72
N MET A 45 -1.17 -25.00 5.60
CA MET A 45 -2.60 -24.92 5.36
C MET A 45 -3.26 -26.26 5.53
N LEU A 46 -4.34 -26.29 6.32
CA LEU A 46 -5.02 -27.53 6.72
C LEU A 46 -6.49 -27.28 7.03
N ASN A 47 -7.31 -28.32 6.87
CA ASN A 47 -8.67 -28.31 7.38
C ASN A 47 -8.62 -29.04 8.71
N PRO A 48 -8.59 -28.28 9.81
CA PRO A 48 -8.29 -28.85 11.12
C PRO A 48 -9.24 -29.94 11.54
N THR A 49 -8.62 -31.07 11.86
CA THR A 49 -9.31 -32.28 12.27
C THR A 49 -9.85 -32.11 13.70
N GLU A 50 -11.01 -32.73 13.95
CA GLU A 50 -11.70 -32.60 15.23
C GLU A 50 -10.76 -32.77 16.41
N GLU A 51 -9.81 -33.68 16.26
CA GLU A 51 -8.80 -33.96 17.29
C GLU A 51 -8.01 -32.72 17.67
N ILE A 52 -7.38 -32.07 16.70
CA ILE A 52 -6.63 -30.86 16.95
C ILE A 52 -7.52 -29.82 17.59
N LEU A 53 -8.69 -29.60 16.99
CA LEU A 53 -9.57 -28.52 17.41
C LEU A 53 -10.11 -28.68 18.81
N LYS A 54 -10.27 -29.93 19.24
CA LYS A 54 -10.73 -30.23 20.60
C LYS A 54 -9.65 -29.92 21.63
N GLU A 55 -8.39 -30.04 21.22
CA GLU A 55 -7.24 -29.80 22.10
C GLU A 55 -6.81 -28.32 22.09
N HIS A 56 -6.95 -27.66 20.94
CA HIS A 56 -6.72 -26.22 20.84
C HIS A 56 -7.72 -25.45 21.67
N TYR A 57 -8.98 -25.85 21.57
CA TYR A 57 -10.07 -25.23 22.31
C TYR A 57 -10.47 -26.09 23.49
N LYS A 58 -9.50 -26.59 24.24
CA LYS A 58 -9.80 -27.46 25.38
C LYS A 58 -10.40 -26.68 26.55
N GLU A 59 -10.07 -25.39 26.63
CA GLU A 59 -10.56 -24.55 27.71
C GLU A 59 -11.98 -24.06 27.48
N LEU A 60 -12.46 -24.20 26.25
CA LEU A 60 -13.80 -23.77 25.86
C LEU A 60 -14.77 -24.94 25.82
N SER A 61 -14.42 -26.01 26.52
CA SER A 61 -15.25 -27.20 26.61
C SER A 61 -16.48 -26.95 27.48
N ASP A 62 -16.26 -26.26 28.60
CA ASP A 62 -17.34 -25.89 29.51
C ASP A 62 -18.11 -24.67 29.00
N GLN A 63 -18.54 -24.75 27.74
CA GLN A 63 -19.30 -23.68 27.10
C GLN A 63 -20.40 -24.27 26.22
N PRO A 64 -21.56 -23.62 26.20
CA PRO A 64 -22.74 -24.12 25.50
C PRO A 64 -22.47 -24.39 24.02
N PHE A 65 -21.90 -23.41 23.32
CA PHE A 65 -21.62 -23.63 21.90
C PHE A 65 -20.17 -23.99 21.67
N PHE A 66 -19.94 -25.29 21.64
CA PHE A 66 -18.61 -25.84 21.45
C PHE A 66 -18.56 -26.76 20.24
N LYS A 67 -19.64 -27.50 19.99
CA LYS A 67 -19.71 -28.42 18.87
C LYS A 67 -19.80 -27.70 17.54
N ASN A 68 -20.37 -26.50 17.55
CA ASN A 68 -20.44 -25.69 16.34
C ASN A 68 -19.16 -24.90 16.12
N LEU A 69 -18.42 -24.64 17.19
CA LEU A 69 -17.10 -24.03 17.10
C LEU A 69 -16.13 -24.94 16.36
N VAL A 70 -15.98 -26.17 16.85
CA VAL A 70 -15.05 -27.11 16.23
C VAL A 70 -15.50 -27.53 14.84
N ALA A 71 -16.76 -27.27 14.50
CA ALA A 71 -17.29 -27.68 13.20
C ALA A 71 -17.18 -26.58 12.15
N TYR A 72 -17.10 -25.33 12.62
CA TYR A 72 -16.90 -24.17 11.75
C TYR A 72 -15.47 -24.15 11.24
N ILE A 73 -14.54 -24.25 12.18
CA ILE A 73 -13.11 -24.22 11.87
C ILE A 73 -12.67 -25.52 11.21
N SER A 74 -13.29 -26.63 11.58
CA SER A 74 -13.05 -27.90 10.89
C SER A 74 -13.57 -27.89 9.45
N LYS A 75 -14.47 -26.96 9.13
CA LYS A 75 -14.93 -26.80 7.77
C LYS A 75 -13.93 -25.98 6.99
N GLY A 76 -13.96 -24.65 7.19
CA GLY A 76 -13.22 -23.69 6.38
C GLY A 76 -11.73 -23.96 6.41
N PRO A 77 -10.97 -23.30 5.53
CA PRO A 77 -9.51 -23.49 5.51
C PRO A 77 -8.86 -22.66 6.60
N VAL A 78 -7.69 -23.09 7.04
CA VAL A 78 -6.99 -22.41 8.11
C VAL A 78 -5.50 -22.36 7.77
N VAL A 79 -4.85 -21.22 7.99
CA VAL A 79 -3.41 -21.13 7.82
C VAL A 79 -2.72 -21.04 9.18
N ALA A 80 -2.11 -22.14 9.58
CA ALA A 80 -1.44 -22.24 10.88
C ALA A 80 0.00 -21.72 10.78
N MET A 81 0.43 -20.93 11.76
CA MET A 81 1.78 -20.38 11.72
C MET A 81 2.48 -20.36 13.07
N VAL A 82 3.81 -20.39 13.04
CA VAL A 82 4.61 -20.08 14.20
C VAL A 82 5.56 -18.94 13.83
N TRP A 83 5.57 -17.90 14.66
CA TRP A 83 6.46 -16.77 14.48
C TRP A 83 7.38 -16.67 15.68
N GLU A 84 8.60 -16.23 15.45
CA GLU A 84 9.66 -16.18 16.48
C GLU A 84 10.21 -14.78 16.57
N GLY A 85 10.61 -14.38 17.77
CA GLY A 85 11.14 -13.04 18.01
C GLY A 85 10.88 -12.51 19.41
N VAL A 86 11.62 -11.47 19.80
CA VAL A 86 11.54 -10.85 21.12
C VAL A 86 10.13 -10.43 21.44
N ASP A 87 9.66 -10.80 22.63
CA ASP A 87 8.30 -10.50 23.06
C ASP A 87 7.27 -10.82 21.95
N MET A 88 7.37 -12.03 21.42
CA MET A 88 6.53 -12.49 20.33
C MET A 88 5.04 -12.59 20.71
N VAL A 89 4.77 -13.19 21.86
CA VAL A 89 3.40 -13.42 22.26
C VAL A 89 2.63 -12.11 22.43
N LYS A 90 3.18 -11.16 23.20
CA LYS A 90 2.54 -9.87 23.49
C LYS A 90 2.34 -9.07 22.24
N GLN A 91 3.39 -8.99 21.44
CA GLN A 91 3.36 -8.11 20.27
C GLN A 91 2.43 -8.67 19.21
N GLY A 92 2.32 -10.00 19.16
CA GLY A 92 1.38 -10.65 18.27
C GLY A 92 -0.03 -10.27 18.66
N ARG A 93 -0.31 -10.37 19.96
CA ARG A 93 -1.59 -9.96 20.51
C ARG A 93 -1.84 -8.50 20.19
N LYS A 94 -0.80 -7.67 20.31
CA LYS A 94 -0.90 -6.23 20.03
C LYS A 94 -1.21 -5.95 18.56
N LEU A 95 -0.55 -6.69 17.66
CA LEU A 95 -0.76 -6.55 16.20
C LEU A 95 -2.15 -7.02 15.81
N ILE A 96 -2.66 -7.99 16.57
CA ILE A 96 -3.97 -8.57 16.32
C ILE A 96 -5.08 -7.66 16.85
N GLY A 97 -4.97 -7.26 18.12
CA GLY A 97 -5.96 -6.40 18.77
C GLY A 97 -6.76 -7.16 19.82
N GLU A 98 -7.74 -6.47 20.42
CA GLU A 98 -8.65 -7.08 21.37
C GLU A 98 -9.53 -8.16 20.71
N THR A 99 -10.20 -8.97 21.52
CA THR A 99 -11.05 -10.04 20.99
C THR A 99 -12.21 -9.48 20.20
N ASN A 100 -12.85 -8.46 20.75
CA ASN A 100 -13.94 -7.77 20.08
C ASN A 100 -13.39 -6.66 19.18
N PRO A 101 -13.55 -6.81 17.87
CA PRO A 101 -13.01 -5.87 16.89
C PRO A 101 -13.61 -4.47 16.95
N LEU A 102 -14.68 -4.32 17.73
CA LEU A 102 -15.28 -3.01 17.90
C LEU A 102 -14.53 -2.19 18.97
N THR A 103 -14.01 -2.85 19.99
CA THR A 103 -13.20 -2.18 21.04
C THR A 103 -11.71 -2.21 20.72
N SER A 104 -11.33 -2.97 19.69
CA SER A 104 -9.93 -3.04 19.28
C SER A 104 -9.50 -1.82 18.46
N ASN A 105 -8.31 -1.32 18.78
CA ASN A 105 -7.77 -0.07 18.23
C ASN A 105 -7.48 -0.17 16.74
N THR A 106 -7.56 0.96 16.04
CA THR A 106 -7.21 1.00 14.62
C THR A 106 -5.71 0.88 14.46
N GLY A 107 -5.29 0.24 13.37
CA GLY A 107 -3.90 -0.13 13.17
C GLY A 107 -3.72 -1.61 13.33
N THR A 108 -4.56 -2.22 14.17
CA THR A 108 -4.53 -3.65 14.36
C THR A 108 -5.27 -4.39 13.23
N ILE A 109 -4.97 -5.67 13.06
CA ILE A 109 -5.66 -6.52 12.10
C ILE A 109 -7.18 -6.51 12.36
N ARG A 110 -7.57 -6.85 13.58
CA ARG A 110 -8.99 -6.95 13.93
C ARG A 110 -9.67 -5.59 13.87
N GLY A 111 -8.95 -4.52 14.19
CA GLY A 111 -9.52 -3.19 14.16
C GLY A 111 -9.54 -2.56 12.78
N ASP A 112 -8.81 -3.16 11.84
CA ASP A 112 -8.77 -2.67 10.48
C ASP A 112 -9.71 -3.44 9.59
N PHE A 113 -9.90 -4.72 9.91
CA PHE A 113 -10.61 -5.65 9.03
C PHE A 113 -11.86 -6.33 9.56
N CYS A 114 -12.09 -6.30 10.87
CA CYS A 114 -13.15 -7.10 11.46
C CYS A 114 -14.23 -6.29 12.18
N LEU A 115 -15.40 -6.90 12.32
CA LEU A 115 -16.55 -6.24 12.95
C LEU A 115 -17.15 -7.08 14.06
N GLU A 116 -17.10 -8.41 13.90
CA GLU A 116 -17.77 -9.35 14.79
C GLU A 116 -16.80 -10.32 15.44
N VAL A 117 -16.99 -10.58 16.73
CA VAL A 117 -16.09 -11.45 17.48
C VAL A 117 -16.12 -12.90 16.97
N SER A 118 -17.23 -13.25 16.32
CA SER A 118 -17.39 -14.56 15.72
C SER A 118 -16.51 -14.74 14.49
N LYS A 119 -16.28 -13.62 13.80
CA LYS A 119 -15.45 -13.63 12.61
C LYS A 119 -14.33 -12.59 12.74
N ASN A 120 -13.31 -12.90 13.52
CA ASN A 120 -12.21 -11.95 13.66
C ASN A 120 -10.88 -12.43 13.05
N VAL A 121 -11.01 -13.20 11.96
CA VAL A 121 -9.93 -13.59 11.05
C VAL A 121 -8.69 -14.30 11.63
N ILE A 122 -8.26 -13.95 12.83
CA ILE A 122 -6.99 -14.45 13.33
C ILE A 122 -7.05 -14.87 14.77
N HIS A 123 -6.24 -15.86 15.11
CA HIS A 123 -5.97 -16.21 16.50
C HIS A 123 -4.51 -15.89 16.85
N GLY A 124 -4.29 -15.38 18.05
CA GLY A 124 -2.96 -15.23 18.59
C GLY A 124 -2.93 -15.82 19.98
N SER A 125 -1.79 -16.40 20.35
CA SER A 125 -1.63 -17.04 21.66
C SER A 125 -1.71 -15.97 22.76
N ASP A 126 -2.38 -16.28 23.87
CA ASP A 126 -2.57 -15.26 24.92
C ASP A 126 -1.43 -15.17 25.95
N SER A 127 -0.68 -16.25 26.10
CA SER A 127 0.47 -16.30 26.99
C SER A 127 1.56 -17.18 26.41
N VAL A 128 2.79 -17.02 26.89
CA VAL A 128 3.90 -17.89 26.49
C VAL A 128 3.61 -19.36 26.78
N ALA A 129 3.01 -19.64 27.93
CA ALA A 129 2.66 -21.01 28.31
C ALA A 129 1.61 -21.59 27.37
N SER A 130 0.64 -20.75 26.97
CA SER A 130 -0.41 -21.12 26.03
C SER A 130 0.16 -21.36 24.66
N ALA A 131 1.15 -20.55 24.30
CA ALA A 131 1.80 -20.64 22.99
C ALA A 131 2.51 -21.97 22.80
N ASN A 132 3.37 -22.35 23.74
CA ASN A 132 4.14 -23.58 23.63
C ASN A 132 3.26 -24.82 23.55
N LYS A 133 2.14 -24.78 24.24
CA LYS A 133 1.10 -25.79 24.18
C LYS A 133 0.49 -25.83 22.77
N GLU A 134 0.10 -24.65 22.28
CA GLU A 134 -0.54 -24.52 20.96
C GLU A 134 0.36 -24.98 19.81
N ILE A 135 1.64 -24.62 19.87
CA ILE A 135 2.62 -24.97 18.85
C ILE A 135 2.72 -26.49 18.73
N ASN A 136 2.80 -27.14 19.90
CA ASN A 136 2.97 -28.60 19.97
C ASN A 136 1.81 -29.37 19.36
N ILE A 137 0.59 -28.84 19.54
CA ILE A 137 -0.61 -29.49 19.07
C ILE A 137 -0.79 -29.34 17.55
N TRP A 138 -0.40 -28.18 17.04
CA TRP A 138 -0.60 -27.86 15.63
C TRP A 138 0.56 -28.29 14.72
N PHE A 139 1.78 -28.26 15.24
CA PHE A 139 2.95 -28.57 14.43
C PHE A 139 3.78 -29.69 15.03
N LYS A 140 4.48 -30.39 14.15
CA LYS A 140 5.47 -31.37 14.55
C LYS A 140 6.80 -30.62 14.69
N ALA A 141 7.72 -31.13 15.51
CA ALA A 141 9.00 -30.47 15.69
C ALA A 141 9.75 -30.33 14.37
N GLU A 142 9.65 -31.35 13.51
CA GLU A 142 10.28 -31.34 12.19
C GLU A 142 9.78 -30.19 11.33
N GLU A 143 8.56 -29.73 11.59
CA GLU A 143 7.95 -28.69 10.79
C GLU A 143 8.53 -27.32 11.07
N LEU A 144 8.89 -27.05 12.32
CA LEU A 144 9.55 -25.80 12.71
C LEU A 144 10.92 -25.74 12.08
N THR A 145 11.10 -24.80 11.15
CA THR A 145 12.33 -24.76 10.36
C THR A 145 13.35 -23.81 10.96
N GLN A 146 14.60 -24.27 11.07
CA GLN A 146 15.66 -23.41 11.59
C GLN A 146 16.37 -22.71 10.46
N TRP A 147 16.41 -21.38 10.56
CA TRP A 147 17.18 -20.58 9.62
C TRP A 147 17.72 -19.31 10.28
N LYS A 148 18.85 -18.84 9.77
CA LYS A 148 19.47 -17.62 10.24
C LYS A 148 18.80 -16.43 9.56
N HIS A 149 18.17 -15.54 10.32
CA HIS A 149 17.66 -14.30 9.72
C HIS A 149 18.78 -13.30 9.54
N HIS A 150 19.05 -12.96 8.29
CA HIS A 150 20.12 -12.04 7.95
C HIS A 150 19.92 -10.70 8.63
N MET A 151 18.66 -10.27 8.69
CA MET A 151 18.32 -8.93 9.15
C MET A 151 18.21 -8.78 10.66
N LYS A 152 18.29 -9.89 11.39
CA LYS A 152 18.16 -9.83 12.85
C LYS A 152 19.23 -8.97 13.51
N GLU A 153 20.37 -8.83 12.86
CA GLU A 153 21.42 -7.91 13.29
C GLU A 153 20.87 -6.49 13.48
N TRP A 154 20.00 -6.08 12.56
CA TRP A 154 19.48 -4.71 12.46
C TRP A 154 18.08 -4.51 13.08
N ILE A 155 17.59 -5.57 13.74
CA ILE A 155 16.31 -5.52 14.44
C ILE A 155 16.53 -5.73 15.95
N CYS A 156 17.54 -6.55 16.28
CA CYS A 156 17.90 -6.90 17.66
C CYS A 156 19.28 -6.40 18.07
N SER A 157 19.63 -6.60 19.34
CA SER A 157 20.96 -6.24 19.83
C SER A 157 21.99 -7.33 19.47
N MET B 9 -29.80 -2.76 8.41
CA MET B 9 -28.58 -2.50 9.25
C MET B 9 -28.39 -1.00 9.54
N GLU B 10 -27.51 -0.71 10.51
CA GLU B 10 -27.18 0.66 10.90
C GLU B 10 -26.47 1.41 9.77
N LYS B 11 -26.98 2.61 9.46
CA LYS B 11 -26.43 3.42 8.38
C LYS B 11 -25.79 4.70 8.96
N SER B 12 -24.70 5.14 8.35
CA SER B 12 -24.09 6.42 8.71
C SER B 12 -23.75 7.26 7.48
N PHE B 13 -23.71 8.58 7.68
CA PHE B 13 -23.37 9.50 6.61
C PHE B 13 -21.89 9.94 6.69
N ILE B 14 -21.12 9.57 5.67
CA ILE B 14 -19.72 9.97 5.59
C ILE B 14 -19.49 10.84 4.36
N MET B 15 -18.85 11.97 4.58
CA MET B 15 -18.71 12.99 3.55
C MET B 15 -17.24 13.42 3.50
N ILE B 16 -16.60 13.18 2.35
CA ILE B 16 -15.25 13.70 2.16
C ILE B 16 -15.38 15.16 1.80
N LYS B 17 -14.86 16.01 2.69
CA LYS B 17 -14.86 17.46 2.52
C LYS B 17 -13.91 17.89 1.37
N PRO B 18 -14.01 19.15 0.92
CA PRO B 18 -13.25 19.65 -0.24
C PRO B 18 -11.79 19.30 -0.19
N ASP B 19 -11.18 19.53 0.97
CA ASP B 19 -9.75 19.33 1.14
C ASP B 19 -9.33 17.88 0.97
N GLY B 20 -10.27 17.00 1.28
CA GLY B 20 -10.09 15.59 1.02
C GLY B 20 -10.02 15.28 -0.48
N VAL B 21 -10.90 15.91 -1.26
CA VAL B 21 -10.92 15.64 -2.69
C VAL B 21 -9.70 16.26 -3.36
N GLN B 22 -9.29 17.41 -2.85
CA GLN B 22 -8.19 18.14 -3.48
C GLN B 22 -6.86 17.40 -3.29
N ARG B 23 -6.72 16.76 -2.13
CA ARG B 23 -5.50 16.07 -1.77
C ARG B 23 -5.47 14.65 -2.31
N GLY B 24 -6.54 14.27 -3.00
CA GLY B 24 -6.63 12.97 -3.62
C GLY B 24 -6.73 11.83 -2.63
N LEU B 25 -7.58 11.99 -1.63
CA LEU B 25 -7.74 10.97 -0.62
C LEU B 25 -9.07 10.22 -0.74
N VAL B 26 -9.80 10.46 -1.83
CA VAL B 26 -11.10 9.79 -2.03
C VAL B 26 -10.96 8.26 -2.04
N GLY B 27 -10.16 7.75 -2.98
CA GLY B 27 -9.83 6.34 -3.05
C GLY B 27 -9.38 5.75 -1.72
N THR B 28 -8.32 6.31 -1.14
CA THR B 28 -7.82 5.81 0.15
C THR B 28 -8.88 5.78 1.27
N ILE B 29 -9.65 6.84 1.42
CA ILE B 29 -10.71 6.84 2.42
C ILE B 29 -11.67 5.68 2.17
N ILE B 30 -12.14 5.55 0.91
CA ILE B 30 -13.10 4.49 0.56
C ILE B 30 -12.51 3.10 0.87
N LYS B 31 -11.29 2.85 0.42
CA LYS B 31 -10.62 1.58 0.70
C LYS B 31 -10.60 1.26 2.19
N ARG B 32 -10.37 2.28 3.03
CA ARG B 32 -10.31 2.08 4.47
C ARG B 32 -11.64 1.55 4.96
N PHE B 33 -12.73 2.09 4.42
CA PHE B 33 -14.06 1.69 4.84
C PHE B 33 -14.44 0.33 4.29
N GLU B 34 -14.02 0.03 3.05
CA GLU B 34 -14.32 -1.24 2.41
C GLU B 34 -13.63 -2.37 3.15
N LYS B 35 -12.37 -2.14 3.54
CA LYS B 35 -11.55 -3.21 4.13
C LYS B 35 -12.01 -3.56 5.55
N LYS B 36 -12.73 -2.63 6.18
CA LYS B 36 -13.34 -2.86 7.49
C LYS B 36 -14.58 -3.77 7.40
N GLY B 37 -15.08 -3.99 6.19
CA GLY B 37 -16.15 -4.94 5.97
C GLY B 37 -17.48 -4.24 5.83
N TYR B 38 -17.42 -2.94 5.57
CA TYR B 38 -18.63 -2.12 5.49
C TYR B 38 -19.19 -2.04 4.08
N LYS B 39 -20.47 -1.66 3.98
CA LYS B 39 -21.19 -1.72 2.71
C LYS B 39 -21.58 -0.32 2.21
N LEU B 40 -20.96 0.07 1.09
CA LEU B 40 -21.28 1.33 0.43
C LEU B 40 -22.62 1.19 -0.29
N ILE B 41 -23.60 2.02 0.07
CA ILE B 41 -24.93 1.96 -0.56
C ILE B 41 -25.32 3.23 -1.28
N ALA B 42 -24.57 4.31 -1.02
CA ALA B 42 -24.82 5.56 -1.72
C ALA B 42 -23.57 6.43 -1.80
N ILE B 43 -23.33 6.98 -2.98
CA ILE B 43 -22.20 7.89 -3.22
C ILE B 43 -22.55 8.89 -4.31
N LYS B 44 -22.16 10.14 -4.11
CA LYS B 44 -22.42 11.18 -5.08
C LYS B 44 -21.44 12.32 -4.90
N MET B 45 -21.05 12.95 -6.01
CA MET B 45 -20.23 14.15 -5.96
C MET B 45 -21.07 15.36 -6.37
N LEU B 46 -21.00 16.41 -5.55
CA LEU B 46 -21.78 17.64 -5.78
C LEU B 46 -21.11 18.85 -5.13
N ASN B 47 -21.47 20.03 -5.63
CA ASN B 47 -21.14 21.27 -4.96
C ASN B 47 -22.34 21.71 -4.13
N PRO B 48 -22.24 21.57 -2.81
CA PRO B 48 -23.42 21.62 -1.92
C PRO B 48 -24.04 23.01 -1.86
N THR B 49 -25.38 23.10 -1.96
CA THR B 49 -26.11 24.37 -1.88
C THR B 49 -25.99 25.01 -0.50
N GLU B 50 -26.11 26.33 -0.44
CA GLU B 50 -26.26 27.07 0.81
C GLU B 50 -27.45 26.49 1.60
N GLU B 51 -28.60 26.38 0.92
CA GLU B 51 -29.83 25.86 1.52
C GLU B 51 -29.64 24.46 2.10
N ILE B 52 -28.95 23.59 1.36
CA ILE B 52 -28.64 22.25 1.85
C ILE B 52 -27.61 22.27 2.98
N LEU B 53 -26.59 23.10 2.83
CA LEU B 53 -25.48 23.19 3.79
C LEU B 53 -25.87 23.72 5.16
N LYS B 54 -26.77 24.70 5.20
CA LYS B 54 -27.13 25.38 6.44
C LYS B 54 -27.84 24.47 7.44
N GLU B 55 -28.72 23.60 6.93
CA GLU B 55 -29.46 22.65 7.77
C GLU B 55 -28.57 21.52 8.29
N HIS B 56 -27.48 21.25 7.56
CA HIS B 56 -26.52 20.23 7.96
C HIS B 56 -25.80 20.63 9.25
N TYR B 57 -25.34 21.88 9.31
CA TYR B 57 -24.66 22.38 10.50
C TYR B 57 -25.58 23.28 11.33
N LYS B 58 -26.87 22.96 11.32
CA LYS B 58 -27.90 23.71 12.03
C LYS B 58 -27.64 23.78 13.54
N GLU B 59 -27.28 22.64 14.13
CA GLU B 59 -27.00 22.54 15.56
C GLU B 59 -25.73 23.26 15.96
N LEU B 60 -24.86 23.52 14.98
CA LEU B 60 -23.61 24.22 15.22
C LEU B 60 -23.71 25.72 14.88
N SER B 61 -24.89 26.29 15.10
CA SER B 61 -25.12 27.71 14.94
C SER B 61 -24.57 28.49 16.13
N ASP B 62 -24.86 28.00 17.34
CA ASP B 62 -24.30 28.55 18.58
C ASP B 62 -22.81 28.20 18.69
N GLN B 63 -22.07 28.47 17.61
CA GLN B 63 -20.63 28.24 17.59
C GLN B 63 -19.93 29.38 16.84
N PRO B 64 -18.75 29.79 17.33
CA PRO B 64 -18.00 30.92 16.74
C PRO B 64 -17.73 30.79 15.23
N PHE B 65 -17.24 29.64 14.78
CA PHE B 65 -16.96 29.39 13.37
C PHE B 65 -18.13 28.70 12.69
N PHE B 66 -19.08 29.48 12.20
CA PHE B 66 -20.27 28.95 11.52
C PHE B 66 -20.39 29.45 10.09
N LYS B 67 -20.04 30.71 9.87
CA LYS B 67 -20.17 31.31 8.54
C LYS B 67 -19.03 30.92 7.61
N ASN B 68 -17.84 30.80 8.18
CA ASN B 68 -16.59 30.64 7.43
C ASN B 68 -16.36 29.24 6.86
N LEU B 69 -16.93 28.23 7.51
CA LEU B 69 -16.86 26.87 7.01
C LEU B 69 -17.71 26.71 5.75
N VAL B 70 -18.85 27.40 5.71
CA VAL B 70 -19.73 27.40 4.54
C VAL B 70 -19.05 28.03 3.32
N ALA B 71 -18.03 28.86 3.57
CA ALA B 71 -17.24 29.47 2.50
C ALA B 71 -16.27 28.47 1.85
N TYR B 72 -15.45 27.81 2.66
CA TYR B 72 -14.44 26.88 2.15
C TYR B 72 -15.00 25.50 1.77
N ILE B 73 -16.30 25.28 2.03
CA ILE B 73 -16.96 24.03 1.69
C ILE B 73 -17.77 24.13 0.39
N SER B 74 -18.75 25.03 0.35
CA SER B 74 -19.67 25.14 -0.79
C SER B 74 -18.94 25.27 -2.12
N LYS B 75 -17.88 26.08 -2.15
CA LYS B 75 -17.07 26.29 -3.34
C LYS B 75 -16.38 24.99 -3.77
N GLY B 76 -15.83 24.27 -2.80
CA GLY B 76 -15.07 23.07 -3.07
C GLY B 76 -15.97 21.89 -3.40
N PRO B 77 -15.39 20.83 -3.96
CA PRO B 77 -16.16 19.64 -4.31
C PRO B 77 -16.34 18.78 -3.06
N VAL B 78 -17.44 18.04 -2.97
CA VAL B 78 -17.58 17.07 -1.87
C VAL B 78 -18.11 15.73 -2.39
N VAL B 79 -17.65 14.66 -1.74
CA VAL B 79 -18.13 13.31 -2.03
C VAL B 79 -18.98 12.82 -0.86
N ALA B 80 -20.29 12.81 -1.05
CA ALA B 80 -21.19 12.42 0.02
C ALA B 80 -21.39 10.93 -0.09
N MET B 81 -21.49 10.26 1.05
CA MET B 81 -21.65 8.82 1.05
C MET B 81 -22.56 8.34 2.16
N VAL B 82 -23.14 7.16 1.96
CA VAL B 82 -23.82 6.43 3.01
C VAL B 82 -23.21 5.04 3.07
N TRP B 83 -22.78 4.63 4.27
CA TRP B 83 -22.25 3.28 4.47
C TRP B 83 -23.13 2.56 5.47
N GLU B 84 -23.26 1.25 5.29
CA GLU B 84 -24.15 0.46 6.13
C GLU B 84 -23.36 -0.69 6.77
N GLY B 85 -23.77 -1.09 7.96
CA GLY B 85 -23.14 -2.20 8.66
C GLY B 85 -23.26 -2.09 10.16
N VAL B 86 -22.93 -3.17 10.87
CA VAL B 86 -23.03 -3.24 12.33
C VAL B 86 -22.22 -2.14 13.00
N ASP B 87 -22.85 -1.43 13.92
CA ASP B 87 -22.19 -0.36 14.64
C ASP B 87 -21.49 0.60 13.67
N MET B 88 -22.22 1.01 12.64
CA MET B 88 -21.66 1.85 11.58
C MET B 88 -21.26 3.24 12.06
N VAL B 89 -22.12 3.86 12.87
CA VAL B 89 -21.88 5.23 13.27
C VAL B 89 -20.62 5.36 14.14
N LYS B 90 -20.51 4.55 15.19
CA LYS B 90 -19.36 4.63 16.11
C LYS B 90 -18.06 4.21 15.41
N GLN B 91 -18.13 3.16 14.61
CA GLN B 91 -16.95 2.64 13.90
C GLN B 91 -16.43 3.64 12.86
N GLY B 92 -17.37 4.32 12.20
CA GLY B 92 -17.03 5.37 11.25
C GLY B 92 -16.29 6.47 11.95
N ARG B 93 -16.82 6.88 13.10
CA ARG B 93 -16.20 7.88 13.95
C ARG B 93 -14.82 7.42 14.38
N LYS B 94 -14.71 6.14 14.74
CA LYS B 94 -13.45 5.52 15.15
C LYS B 94 -12.41 5.56 14.03
N LEU B 95 -12.86 5.21 12.81
CA LEU B 95 -12.06 5.19 11.59
C LEU B 95 -11.57 6.58 11.20
N ILE B 96 -12.40 7.59 11.48
CA ILE B 96 -12.13 9.00 11.22
C ILE B 96 -11.17 9.60 12.25
N GLY B 97 -11.50 9.43 13.53
CA GLY B 97 -10.73 9.96 14.63
C GLY B 97 -11.44 11.12 15.30
N GLU B 98 -10.77 11.74 16.27
CA GLU B 98 -11.28 12.95 16.96
C GLU B 98 -11.43 14.14 16.00
N THR B 99 -12.16 15.16 16.47
CA THR B 99 -12.36 16.42 15.75
C THR B 99 -11.00 17.05 15.38
N ASN B 100 -10.17 17.26 16.41
CA ASN B 100 -8.83 17.80 16.21
C ASN B 100 -7.83 16.70 15.86
N PRO B 101 -7.27 16.77 14.65
CA PRO B 101 -6.30 15.78 14.16
C PRO B 101 -4.97 15.73 14.94
N LEU B 102 -4.70 16.71 15.82
CA LEU B 102 -3.55 16.66 16.73
C LEU B 102 -3.77 15.62 17.85
N THR B 103 -4.99 15.59 18.37
CA THR B 103 -5.36 14.72 19.49
C THR B 103 -5.87 13.35 19.00
N SER B 104 -6.14 13.27 17.69
CA SER B 104 -6.63 12.05 17.04
C SER B 104 -5.52 11.00 16.86
N ASN B 105 -5.83 9.76 17.22
CA ASN B 105 -4.86 8.64 17.21
C ASN B 105 -4.37 8.26 15.82
N THR B 106 -3.13 7.77 15.75
CA THR B 106 -2.59 7.30 14.47
C THR B 106 -3.29 6.01 14.07
N GLY B 107 -3.47 5.83 12.77
CA GLY B 107 -4.29 4.75 12.24
C GLY B 107 -5.58 5.32 11.67
N THR B 108 -6.08 6.39 12.29
CA THR B 108 -7.29 7.06 11.81
C THR B 108 -7.00 7.91 10.56
N ILE B 109 -8.04 8.21 9.78
CA ILE B 109 -7.96 9.10 8.63
C ILE B 109 -7.39 10.47 9.06
N ARG B 110 -8.04 11.11 10.03
CA ARG B 110 -7.62 12.43 10.49
C ARG B 110 -6.23 12.43 11.18
N GLY B 111 -5.87 11.31 11.80
CA GLY B 111 -4.59 11.16 12.49
C GLY B 111 -3.47 10.73 11.54
N ASP B 112 -3.84 10.29 10.34
CA ASP B 112 -2.85 9.93 9.33
C ASP B 112 -2.64 11.04 8.29
N PHE B 113 -3.67 11.85 8.07
CA PHE B 113 -3.71 12.80 6.96
C PHE B 113 -3.86 14.28 7.32
N CYS B 114 -4.37 14.58 8.51
CA CYS B 114 -4.75 15.97 8.83
C CYS B 114 -3.97 16.62 9.98
N LEU B 115 -3.93 17.95 9.94
CA LEU B 115 -3.21 18.78 10.92
C LEU B 115 -4.12 19.76 11.65
N GLU B 116 -5.03 20.40 10.90
CA GLU B 116 -5.90 21.45 11.46
C GLU B 116 -7.39 21.06 11.42
N VAL B 117 -8.11 21.50 12.45
CA VAL B 117 -9.53 21.18 12.60
C VAL B 117 -10.38 21.81 11.49
N SER B 118 -9.89 22.89 10.91
CA SER B 118 -10.57 23.54 9.79
C SER B 118 -10.49 22.70 8.52
N LYS B 119 -9.41 21.93 8.37
CA LYS B 119 -9.27 21.08 7.20
C LYS B 119 -8.99 19.63 7.60
N ASN B 120 -10.05 18.92 8.00
CA ASN B 120 -9.93 17.52 8.45
C ASN B 120 -10.55 16.49 7.50
N VAL B 121 -10.59 16.87 6.23
CA VAL B 121 -10.95 16.02 5.07
C VAL B 121 -12.29 15.29 5.10
N ILE B 122 -12.77 14.89 6.26
CA ILE B 122 -13.98 14.09 6.26
C ILE B 122 -14.94 14.42 7.39
N HIS B 123 -16.22 14.15 7.15
CA HIS B 123 -17.22 14.22 8.21
C HIS B 123 -17.78 12.84 8.47
N GLY B 124 -18.07 12.57 9.74
CA GLY B 124 -18.79 11.37 10.11
C GLY B 124 -19.89 11.74 11.06
N SER B 125 -21.02 11.05 10.94
CA SER B 125 -22.17 11.27 11.81
C SER B 125 -21.80 10.95 13.26
N ASP B 126 -22.27 11.78 14.18
CA ASP B 126 -21.92 11.69 15.61
C ASP B 126 -22.78 10.71 16.39
N SER B 127 -24.04 10.54 15.95
CA SER B 127 -24.97 9.60 16.56
C SER B 127 -25.89 9.00 15.49
N VAL B 128 -26.54 7.88 15.81
CA VAL B 128 -27.53 7.25 14.92
C VAL B 128 -28.66 8.22 14.55
N ALA B 129 -29.11 9.00 15.54
CA ALA B 129 -30.17 9.98 15.33
C ALA B 129 -29.73 11.07 14.37
N SER B 130 -28.49 11.50 14.52
CA SER B 130 -27.92 12.53 13.65
C SER B 130 -27.64 11.98 12.26
N ALA B 131 -27.34 10.69 12.19
CA ALA B 131 -27.09 10.01 10.90
C ALA B 131 -28.33 9.98 10.02
N ASN B 132 -29.43 9.48 10.58
CA ASN B 132 -30.69 9.34 9.82
C ASN B 132 -31.24 10.67 9.33
N LYS B 133 -30.99 11.73 10.10
CA LYS B 133 -31.33 13.08 9.65
C LYS B 133 -30.40 13.52 8.52
N GLU B 134 -29.09 13.28 8.67
CA GLU B 134 -28.12 13.66 7.66
C GLU B 134 -28.31 12.95 6.31
N ILE B 135 -28.61 11.65 6.36
CA ILE B 135 -28.87 10.87 5.16
C ILE B 135 -30.05 11.47 4.37
N ASN B 136 -31.12 11.80 5.09
CA ASN B 136 -32.36 12.33 4.53
C ASN B 136 -32.14 13.65 3.78
N ILE B 137 -31.29 14.50 4.33
CA ILE B 137 -31.04 15.82 3.76
C ILE B 137 -30.14 15.75 2.54
N TRP B 138 -29.23 14.78 2.54
CA TRP B 138 -28.21 14.67 1.50
C TRP B 138 -28.61 13.77 0.34
N PHE B 139 -29.39 12.75 0.63
CA PHE B 139 -29.76 11.78 -0.38
C PHE B 139 -31.26 11.59 -0.48
N LYS B 140 -31.72 11.21 -1.67
CA LYS B 140 -33.10 10.82 -1.85
C LYS B 140 -33.17 9.33 -1.57
N ALA B 141 -34.37 8.84 -1.25
CA ALA B 141 -34.54 7.41 -0.97
C ALA B 141 -34.12 6.56 -2.16
N GLU B 142 -34.47 7.02 -3.36
CA GLU B 142 -34.13 6.34 -4.61
C GLU B 142 -32.63 6.17 -4.77
N GLU B 143 -31.86 7.10 -4.21
CA GLU B 143 -30.40 7.09 -4.33
C GLU B 143 -29.74 5.96 -3.54
N LEU B 144 -30.28 5.64 -2.36
CA LEU B 144 -29.76 4.54 -1.57
C LEU B 144 -30.03 3.23 -2.29
N THR B 145 -28.96 2.56 -2.72
CA THR B 145 -29.09 1.35 -3.52
C THR B 145 -29.12 0.09 -2.68
N GLN B 146 -30.05 -0.80 -3.03
CA GLN B 146 -30.20 -2.08 -2.34
C GLN B 146 -29.41 -3.13 -3.10
N TRP B 147 -28.46 -3.76 -2.40
CA TRP B 147 -27.71 -4.89 -2.97
C TRP B 147 -27.32 -5.89 -1.89
N LYS B 148 -27.27 -7.17 -2.28
CA LYS B 148 -26.82 -8.23 -1.39
C LYS B 148 -25.29 -8.25 -1.40
N HIS B 149 -24.68 -8.01 -0.24
CA HIS B 149 -23.24 -8.12 -0.06
C HIS B 149 -22.88 -9.58 0.05
N HIS B 150 -22.18 -10.13 -0.94
CA HIS B 150 -21.86 -11.55 -0.93
C HIS B 150 -20.96 -11.93 0.26
N MET B 151 -20.08 -11.02 0.65
CA MET B 151 -19.11 -11.27 1.70
C MET B 151 -19.65 -11.10 3.13
N LYS B 152 -20.88 -10.59 3.26
CA LYS B 152 -21.48 -10.37 4.57
C LYS B 152 -21.54 -11.64 5.43
N GLU B 153 -21.66 -12.80 4.78
CA GLU B 153 -21.61 -14.10 5.46
C GLU B 153 -20.37 -14.22 6.33
N TRP B 154 -19.25 -13.70 5.82
CA TRP B 154 -17.90 -13.88 6.37
C TRP B 154 -17.42 -12.69 7.20
N ILE B 155 -18.29 -11.72 7.38
CA ILE B 155 -18.00 -10.55 8.21
C ILE B 155 -18.96 -10.50 9.38
N CYS B 156 -20.19 -10.96 9.18
CA CYS B 156 -21.25 -11.01 10.19
C CYS B 156 -21.70 -12.44 10.54
N SER B 157 -22.77 -12.54 11.33
CA SER B 157 -23.29 -13.83 11.80
C SER B 157 -23.60 -14.84 10.67
N MET C 9 6.32 28.56 10.21
CA MET C 9 5.62 27.49 10.97
C MET C 9 6.58 26.61 11.78
N GLU C 10 6.02 25.77 12.65
CA GLU C 10 6.79 24.90 13.53
C GLU C 10 7.61 23.86 12.77
N LYS C 11 8.91 23.79 13.06
CA LYS C 11 9.78 22.79 12.41
C LYS C 11 10.28 21.75 13.41
N SER C 12 10.46 20.52 12.93
CA SER C 12 11.03 19.43 13.74
C SER C 12 12.12 18.66 12.97
N PHE C 13 13.06 18.09 13.72
CA PHE C 13 14.13 17.29 13.12
C PHE C 13 13.82 15.80 13.24
N ILE C 14 13.71 15.17 12.07
CA ILE C 14 13.41 13.75 11.98
C ILE C 14 14.57 13.08 11.27
N MET C 15 15.12 12.05 11.89
CA MET C 15 16.30 11.40 11.33
C MET C 15 16.08 9.92 11.29
N ILE C 16 16.12 9.34 10.08
CA ILE C 16 16.09 7.88 9.95
C ILE C 16 17.46 7.30 10.35
N LYS C 17 17.49 6.55 11.46
CA LYS C 17 18.71 5.91 11.97
C LYS C 17 19.20 4.83 11.00
N PRO C 18 20.45 4.36 11.15
CA PRO C 18 21.03 3.41 10.18
C PRO C 18 20.16 2.18 9.92
N ASP C 19 19.56 1.62 10.96
CA ASP C 19 18.74 0.42 10.79
C ASP C 19 17.51 0.69 9.95
N GLY C 20 17.03 1.93 10.00
CA GLY C 20 15.96 2.37 9.13
C GLY C 20 16.36 2.27 7.66
N VAL C 21 17.58 2.72 7.34
CA VAL C 21 18.05 2.75 5.97
C VAL C 21 18.33 1.33 5.49
N GLN C 22 18.83 0.51 6.41
CA GLN C 22 19.24 -0.86 6.09
C GLN C 22 18.05 -1.73 5.70
N ARG C 23 16.94 -1.48 6.39
CA ARG C 23 15.71 -2.22 6.23
C ARG C 23 14.84 -1.64 5.13
N GLY C 24 15.33 -0.59 4.48
CA GLY C 24 14.60 0.02 3.38
C GLY C 24 13.28 0.63 3.80
N LEU C 25 13.31 1.47 4.82
CA LEU C 25 12.10 2.11 5.32
C LEU C 25 12.13 3.61 5.06
N VAL C 26 13.14 4.07 4.31
CA VAL C 26 13.25 5.49 4.02
C VAL C 26 12.01 6.02 3.29
N GLY C 27 11.70 5.47 2.11
CA GLY C 27 10.49 5.80 1.39
C GLY C 27 9.21 5.72 2.22
N THR C 28 8.95 4.56 2.81
CA THR C 28 7.81 4.37 3.71
C THR C 28 7.68 5.45 4.81
N ILE C 29 8.78 5.75 5.50
CA ILE C 29 8.72 6.76 6.54
C ILE C 29 8.33 8.10 5.95
N ILE C 30 9.01 8.52 4.89
CA ILE C 30 8.69 9.81 4.27
C ILE C 30 7.21 9.85 3.86
N LYS C 31 6.78 8.82 3.14
CA LYS C 31 5.38 8.70 2.73
C LYS C 31 4.39 8.99 3.89
N ARG C 32 4.69 8.45 5.07
CA ARG C 32 3.84 8.64 6.24
C ARG C 32 3.75 10.10 6.60
N PHE C 33 4.89 10.80 6.51
CA PHE C 33 4.94 12.22 6.87
C PHE C 33 4.28 13.06 5.81
N GLU C 34 4.50 12.70 4.55
CA GLU C 34 3.90 13.40 3.42
C GLU C 34 2.37 13.34 3.48
N LYS C 35 1.83 12.14 3.71
CA LYS C 35 0.37 11.91 3.74
C LYS C 35 -0.33 12.68 4.88
N LYS C 36 0.42 12.97 5.94
CA LYS C 36 -0.07 13.74 7.09
C LYS C 36 -0.34 15.19 6.72
N GLY C 37 0.18 15.61 5.57
CA GLY C 37 0.06 16.99 5.13
C GLY C 37 1.21 17.85 5.59
N TYR C 38 2.33 17.22 5.91
CA TYR C 38 3.51 17.93 6.38
C TYR C 38 4.47 18.32 5.24
N LYS C 39 5.36 19.27 5.52
CA LYS C 39 6.18 19.91 4.51
C LYS C 39 7.66 19.57 4.70
N LEU C 40 8.21 18.73 3.82
CA LEU C 40 9.65 18.46 3.78
C LEU C 40 10.41 19.68 3.26
N ILE C 41 11.30 20.20 4.09
CA ILE C 41 12.07 21.41 3.73
C ILE C 41 13.57 21.15 3.68
N ALA C 42 14.02 20.06 4.29
CA ALA C 42 15.43 19.68 4.26
C ALA C 42 15.65 18.16 4.37
N ILE C 43 16.53 17.63 3.53
CA ILE C 43 16.85 16.20 3.53
C ILE C 43 18.31 15.98 3.08
N LYS C 44 19.03 15.11 3.77
CA LYS C 44 20.43 14.88 3.50
C LYS C 44 20.83 13.49 4.01
N MET C 45 21.66 12.81 3.21
CA MET C 45 22.25 11.56 3.67
C MET C 45 23.72 11.77 3.97
N LEU C 46 24.15 11.29 5.15
CA LEU C 46 25.49 11.51 5.66
C LEU C 46 25.90 10.40 6.64
N ASN C 47 27.20 10.14 6.75
CA ASN C 47 27.74 9.33 7.83
C ASN C 47 28.21 10.30 8.92
N PRO C 48 27.40 10.45 9.97
CA PRO C 48 27.58 11.56 10.91
C PRO C 48 28.88 11.46 11.70
N THR C 49 29.60 12.58 11.81
CA THR C 49 30.84 12.61 12.58
C THR C 49 30.51 12.43 14.04
N GLU C 50 31.43 11.83 14.79
CA GLU C 50 31.24 11.57 16.22
C GLU C 50 31.08 12.88 17.01
N GLU C 51 31.49 13.99 16.39
CA GLU C 51 31.40 15.31 17.00
C GLU C 51 30.03 15.95 16.76
N ILE C 52 29.48 15.77 15.56
CA ILE C 52 28.11 16.19 15.25
C ILE C 52 27.13 15.44 16.15
N LEU C 53 27.38 14.14 16.34
CA LEU C 53 26.55 13.31 17.21
C LEU C 53 26.81 13.56 18.70
N LYS C 54 28.06 13.92 19.04
CA LYS C 54 28.43 14.25 20.42
C LYS C 54 27.54 15.34 21.00
N GLU C 55 27.17 16.29 20.15
CA GLU C 55 26.30 17.41 20.55
C GLU C 55 24.81 17.10 20.41
N HIS C 56 24.43 16.32 19.40
CA HIS C 56 23.03 15.92 19.21
C HIS C 56 22.48 15.14 20.41
N TYR C 57 23.32 14.27 20.98
CA TYR C 57 22.93 13.48 22.14
C TYR C 57 23.65 13.95 23.40
N LYS C 58 23.81 15.28 23.52
CA LYS C 58 24.39 15.90 24.72
C LYS C 58 23.40 15.85 25.89
N GLU C 59 22.14 16.19 25.61
CA GLU C 59 21.05 16.09 26.58
C GLU C 59 20.88 14.65 27.04
N LEU C 60 21.15 13.71 26.12
CA LEU C 60 21.05 12.28 26.36
C LEU C 60 22.39 11.68 26.79
N SER C 61 23.31 12.54 27.24
CA SER C 61 24.55 12.06 27.87
C SER C 61 24.25 11.51 29.26
N ASP C 62 22.99 11.66 29.68
CA ASP C 62 22.52 11.17 30.98
C ASP C 62 21.93 9.75 30.85
N GLN C 63 22.67 8.86 30.19
CA GLN C 63 22.25 7.48 29.96
C GLN C 63 23.46 6.55 30.13
N PRO C 64 23.25 5.39 30.78
CA PRO C 64 24.35 4.42 31.00
C PRO C 64 25.09 3.99 29.74
N PHE C 65 24.35 3.63 28.69
CA PHE C 65 24.91 3.19 27.41
C PHE C 65 24.99 4.35 26.43
N PHE C 66 26.09 5.10 26.49
CA PHE C 66 26.29 6.29 25.67
C PHE C 66 27.53 6.14 24.79
N LYS C 67 28.59 5.58 25.39
CA LYS C 67 29.88 5.36 24.73
C LYS C 67 29.76 4.37 23.56
N ASN C 68 28.70 3.55 23.62
CA ASN C 68 28.42 2.57 22.57
C ASN C 68 27.40 3.07 21.54
N LEU C 69 26.63 4.08 21.91
CA LEU C 69 25.57 4.60 21.04
C LEU C 69 26.07 5.52 19.93
N VAL C 70 26.95 6.45 20.28
CA VAL C 70 27.49 7.41 19.31
C VAL C 70 28.34 6.74 18.22
N ALA C 71 29.05 5.68 18.59
CA ALA C 71 29.85 4.91 17.65
C ALA C 71 28.95 4.21 16.65
N TYR C 72 27.83 3.68 17.15
CA TYR C 72 26.87 2.96 16.33
C TYR C 72 26.31 3.84 15.21
N ILE C 73 25.59 4.91 15.58
CA ILE C 73 24.98 5.79 14.59
C ILE C 73 26.02 6.48 13.70
N SER C 74 27.26 6.57 14.18
CA SER C 74 28.36 7.12 13.41
C SER C 74 28.72 6.25 12.20
N LYS C 75 28.71 4.94 12.41
CA LYS C 75 29.08 3.99 11.37
C LYS C 75 28.09 3.99 10.21
N GLY C 76 26.87 3.50 10.47
CA GLY C 76 25.85 3.28 9.46
C GLY C 76 25.39 4.56 8.80
N PRO C 77 24.62 4.45 7.71
CA PRO C 77 24.09 5.64 7.02
C PRO C 77 22.92 6.25 7.81
N VAL C 78 22.69 7.55 7.60
CA VAL C 78 21.68 8.29 8.33
C VAL C 78 21.01 9.22 7.31
N VAL C 79 19.68 9.27 7.32
CA VAL C 79 18.97 10.29 6.54
C VAL C 79 18.37 11.36 7.45
N ALA C 80 19.00 12.52 7.44
CA ALA C 80 18.58 13.62 8.31
C ALA C 80 17.52 14.43 7.58
N MET C 81 16.49 14.85 8.30
CA MET C 81 15.42 15.63 7.68
C MET C 81 14.92 16.76 8.58
N VAL C 82 14.34 17.78 7.95
CA VAL C 82 13.52 18.76 8.66
C VAL C 82 12.16 18.80 7.99
N TRP C 83 11.12 18.72 8.83
CA TRP C 83 9.73 18.80 8.40
C TRP C 83 9.08 20.01 9.05
N GLU C 84 8.21 20.67 8.30
CA GLU C 84 7.55 21.89 8.76
C GLU C 84 6.03 21.68 8.74
N GLY C 85 5.35 22.34 9.67
CA GLY C 85 3.90 22.27 9.76
C GLY C 85 3.38 22.49 11.17
N VAL C 86 2.06 22.70 11.27
CA VAL C 86 1.42 23.00 12.54
C VAL C 86 1.57 21.83 13.49
N ASP C 87 1.96 22.14 14.72
CA ASP C 87 2.28 21.17 15.76
C ASP C 87 3.15 20.03 15.23
N MET C 88 4.26 20.43 14.61
CA MET C 88 5.13 19.47 13.95
C MET C 88 5.86 18.55 14.92
N VAL C 89 6.32 19.13 16.03
CA VAL C 89 7.13 18.36 16.98
C VAL C 89 6.31 17.24 17.62
N LYS C 90 5.14 17.60 18.15
CA LYS C 90 4.28 16.65 18.84
C LYS C 90 3.78 15.57 17.90
N GLN C 91 3.32 15.99 16.72
CA GLN C 91 2.72 15.10 15.75
C GLN C 91 3.76 14.12 15.15
N GLY C 92 4.99 14.60 14.98
CA GLY C 92 6.08 13.73 14.56
C GLY C 92 6.35 12.66 15.60
N ARG C 93 6.35 13.07 16.87
CA ARG C 93 6.54 12.13 17.97
C ARG C 93 5.39 11.15 17.99
N LYS C 94 4.18 11.63 17.71
CA LYS C 94 2.97 10.78 17.57
C LYS C 94 3.11 9.75 16.46
N LEU C 95 3.54 10.21 15.29
CA LEU C 95 3.75 9.34 14.12
C LEU C 95 4.82 8.30 14.38
N ILE C 96 5.81 8.67 15.19
CA ILE C 96 6.94 7.80 15.51
C ILE C 96 6.54 6.76 16.54
N GLY C 97 5.95 7.24 17.64
CA GLY C 97 5.58 6.39 18.76
C GLY C 97 6.47 6.57 19.97
N GLU C 98 6.24 5.77 21.00
CA GLU C 98 7.08 5.77 22.22
C GLU C 98 8.52 5.32 21.93
N THR C 99 9.42 5.51 22.90
CA THR C 99 10.83 5.12 22.74
C THR C 99 10.94 3.61 22.57
N ASN C 100 10.26 2.90 23.47
CA ASN C 100 10.18 1.46 23.46
C ASN C 100 9.11 0.98 22.46
N PRO C 101 9.53 0.32 21.37
CA PRO C 101 8.60 -0.12 20.33
C PRO C 101 7.62 -1.20 20.79
N LEU C 102 7.84 -1.73 22.00
CA LEU C 102 6.96 -2.72 22.59
C LEU C 102 5.73 -2.05 23.21
N THR C 103 5.94 -0.88 23.81
CA THR C 103 4.86 -0.15 24.45
C THR C 103 4.24 0.89 23.50
N SER C 104 4.88 1.03 22.33
CA SER C 104 4.45 1.93 21.28
C SER C 104 3.21 1.40 20.54
N ASN C 105 2.21 2.24 20.33
CA ASN C 105 0.92 1.84 19.73
C ASN C 105 1.05 1.47 18.25
N THR C 106 0.18 0.58 17.78
CA THR C 106 0.13 0.19 16.37
C THR C 106 -0.32 1.37 15.54
N GLY C 107 0.23 1.50 14.34
CA GLY C 107 -0.08 2.63 13.48
C GLY C 107 1.13 3.53 13.39
N THR C 108 1.92 3.55 14.46
CA THR C 108 3.17 4.31 14.48
C THR C 108 4.29 3.57 13.77
N ILE C 109 5.30 4.32 13.36
CA ILE C 109 6.49 3.77 12.71
C ILE C 109 7.18 2.72 13.58
N ARG C 110 7.46 3.09 14.84
CA ARG C 110 8.09 2.19 15.79
C ARG C 110 7.22 1.00 16.18
N GLY C 111 5.90 1.21 16.24
CA GLY C 111 4.98 0.15 16.57
C GLY C 111 4.60 -0.76 15.41
N ASP C 112 4.90 -0.33 14.18
CA ASP C 112 4.66 -1.17 13.02
C ASP C 112 5.93 -1.91 12.59
N PHE C 113 7.09 -1.31 12.83
CA PHE C 113 8.34 -1.84 12.29
C PHE C 113 9.45 -2.22 13.30
N CYS C 114 9.36 -1.79 14.55
CA CYS C 114 10.46 -2.05 15.48
C CYS C 114 10.14 -2.96 16.68
N LEU C 115 11.19 -3.55 17.26
CA LEU C 115 11.08 -4.47 18.38
C LEU C 115 11.91 -4.00 19.57
N GLU C 116 13.10 -3.48 19.29
CA GLU C 116 14.04 -3.10 20.36
C GLU C 116 14.37 -1.62 20.38
N VAL C 117 14.54 -1.08 21.59
CA VAL C 117 14.81 0.34 21.77
C VAL C 117 16.16 0.73 21.17
N SER C 118 17.10 -0.21 21.10
CA SER C 118 18.41 0.07 20.49
C SER C 118 18.31 0.24 18.97
N LYS C 119 17.32 -0.41 18.36
CA LYS C 119 17.09 -0.31 16.93
C LYS C 119 15.65 0.11 16.63
N ASN C 120 15.39 1.41 16.76
CA ASN C 120 14.05 1.97 16.61
C ASN C 120 13.90 2.83 15.35
N VAL C 121 14.76 2.59 14.37
CA VAL C 121 14.74 3.20 13.02
C VAL C 121 14.75 4.74 12.88
N ILE C 122 14.12 5.45 13.80
CA ILE C 122 13.93 6.89 13.62
C ILE C 122 14.14 7.69 14.91
N HIS C 123 14.55 8.93 14.74
CA HIS C 123 14.59 9.88 15.82
C HIS C 123 13.62 11.02 15.53
N GLY C 124 12.92 11.48 16.56
CA GLY C 124 12.13 12.68 16.46
C GLY C 124 12.44 13.59 17.63
N SER C 125 12.38 14.90 17.37
CA SER C 125 12.62 15.91 18.40
C SER C 125 11.56 15.80 19.49
N ASP C 126 12.01 15.94 20.74
CA ASP C 126 11.15 15.78 21.91
C ASP C 126 10.35 17.04 22.26
N SER C 127 10.95 18.21 21.99
CA SER C 127 10.32 19.51 22.24
C SER C 127 10.72 20.52 21.16
N VAL C 128 9.96 21.61 21.07
CA VAL C 128 10.26 22.69 20.12
C VAL C 128 11.65 23.29 20.37
N ALA C 129 12.02 23.42 21.65
CA ALA C 129 13.34 23.95 22.02
C ALA C 129 14.46 22.99 21.58
N SER C 130 14.20 21.70 21.74
CA SER C 130 15.14 20.67 21.34
C SER C 130 15.27 20.56 19.82
N ALA C 131 14.16 20.81 19.12
CA ALA C 131 14.11 20.76 17.66
C ALA C 131 14.99 21.84 17.03
N ASN C 132 14.79 23.10 17.44
CA ASN C 132 15.57 24.23 16.91
C ASN C 132 17.07 24.08 17.12
N LYS C 133 17.48 23.49 18.26
CA LYS C 133 18.87 23.14 18.51
C LYS C 133 19.35 22.06 17.55
N GLU C 134 18.56 20.99 17.43
CA GLU C 134 18.88 19.85 16.57
C GLU C 134 19.04 20.25 15.11
N ILE C 135 18.12 21.08 14.60
CA ILE C 135 18.17 21.54 13.21
C ILE C 135 19.46 22.31 12.92
N ASN C 136 19.85 23.19 13.85
CA ASN C 136 21.04 24.01 13.70
C ASN C 136 22.32 23.19 13.63
N ILE C 137 22.37 22.12 14.41
CA ILE C 137 23.54 21.26 14.48
C ILE C 137 23.69 20.40 13.23
N TRP C 138 22.55 19.92 12.68
CA TRP C 138 22.56 18.99 11.54
C TRP C 138 22.52 19.67 10.18
N PHE C 139 21.88 20.83 10.09
CA PHE C 139 21.75 21.55 8.82
C PHE C 139 22.33 22.97 8.85
N LYS C 140 22.77 23.43 7.67
CA LYS C 140 23.13 24.82 7.47
C LYS C 140 21.84 25.54 7.12
N ALA C 141 21.79 26.85 7.36
CA ALA C 141 20.58 27.60 7.03
C ALA C 141 20.29 27.52 5.53
N GLU C 142 21.34 27.55 4.71
CA GLU C 142 21.23 27.47 3.26
C GLU C 142 20.56 26.16 2.82
N GLU C 143 20.73 25.11 3.61
CA GLU C 143 20.15 23.78 3.34
C GLU C 143 18.64 23.78 3.40
N LEU C 144 18.07 24.46 4.41
CA LEU C 144 16.63 24.58 4.57
C LEU C 144 16.05 25.32 3.37
N THR C 145 15.25 24.62 2.56
CA THR C 145 14.75 25.22 1.32
C THR C 145 13.37 25.83 1.50
N GLN C 146 13.19 27.03 0.96
CA GLN C 146 11.94 27.75 1.04
C GLN C 146 11.12 27.43 -0.21
N TRP C 147 9.93 26.87 -0.01
CA TRP C 147 9.02 26.63 -1.13
C TRP C 147 7.57 26.81 -0.68
N LYS C 148 6.73 27.27 -1.61
CA LYS C 148 5.31 27.41 -1.31
C LYS C 148 4.62 26.06 -1.54
N HIS C 149 4.05 25.50 -0.48
CA HIS C 149 3.28 24.27 -0.59
C HIS C 149 1.90 24.59 -1.19
N HIS C 150 1.65 24.12 -2.39
CA HIS C 150 0.38 24.39 -3.08
C HIS C 150 -0.81 23.85 -2.31
N MET C 151 -0.63 22.69 -1.68
CA MET C 151 -1.71 22.01 -0.99
C MET C 151 -2.01 22.54 0.43
N LYS C 152 -1.16 23.43 0.94
CA LYS C 152 -1.31 24.03 2.27
C LYS C 152 -2.68 24.65 2.48
N GLU C 153 -3.26 25.19 1.41
CA GLU C 153 -4.60 25.77 1.42
C GLU C 153 -5.65 24.77 1.95
N TRP C 154 -5.47 23.50 1.59
CA TRP C 154 -6.44 22.45 1.86
C TRP C 154 -6.07 21.55 3.05
N ILE C 155 -5.01 21.95 3.75
CA ILE C 155 -4.55 21.26 4.95
C ILE C 155 -4.67 22.20 6.16
N CYS C 156 -4.45 23.49 5.91
CA CYS C 156 -4.43 24.56 6.90
C CYS C 156 -5.60 25.54 6.74
N SER C 157 -5.71 26.46 7.71
CA SER C 157 -6.64 27.61 7.66
C SER C 157 -8.03 27.29 7.07
N MET D 9 30.13 0.17 -7.87
CA MET D 9 28.93 -0.20 -8.68
C MET D 9 28.41 0.98 -9.52
N GLU D 10 27.55 0.66 -10.49
CA GLU D 10 26.95 1.65 -11.39
C GLU D 10 26.06 2.66 -10.63
N LYS D 11 26.30 3.94 -10.86
CA LYS D 11 25.52 4.99 -10.19
C LYS D 11 24.69 5.78 -11.19
N SER D 12 23.50 6.20 -10.79
CA SER D 12 22.69 7.09 -11.61
C SER D 12 22.11 8.26 -10.81
N PHE D 13 21.80 9.34 -11.53
CA PHE D 13 21.24 10.54 -10.92
C PHE D 13 19.72 10.59 -11.12
N ILE D 14 18.99 10.50 -10.02
CA ILE D 14 17.53 10.64 -10.05
C ILE D 14 17.09 11.85 -9.26
N MET D 15 16.23 12.64 -9.89
CA MET D 15 15.85 13.94 -9.36
C MET D 15 14.34 14.07 -9.41
N ILE D 16 13.71 14.19 -8.25
CA ILE D 16 12.29 14.43 -8.21
C ILE D 16 12.07 15.92 -8.52
N LYS D 17 11.43 16.19 -9.64
CA LYS D 17 11.12 17.56 -10.06
C LYS D 17 10.09 18.22 -9.13
N PRO D 18 9.88 19.55 -9.27
CA PRO D 18 8.99 20.31 -8.40
C PRO D 18 7.64 19.67 -8.22
N ASP D 19 7.04 19.28 -9.34
CA ASP D 19 5.69 18.73 -9.36
C ASP D 19 5.58 17.42 -8.60
N GLY D 20 6.69 16.70 -8.56
CA GLY D 20 6.80 15.53 -7.72
C GLY D 20 6.71 15.85 -6.26
N VAL D 21 7.39 16.90 -5.81
CA VAL D 21 7.40 17.18 -4.37
C VAL D 21 6.09 17.84 -3.97
N GLN D 22 5.47 18.57 -4.89
CA GLN D 22 4.21 19.24 -4.59
C GLN D 22 3.06 18.23 -4.40
N ARG D 23 3.10 17.15 -5.19
CA ARG D 23 2.06 16.14 -5.17
C ARG D 23 2.29 15.10 -4.09
N GLY D 24 3.38 15.29 -3.35
CA GLY D 24 3.73 14.39 -2.25
C GLY D 24 4.08 13.00 -2.73
N LEU D 25 4.94 12.91 -3.73
CA LEU D 25 5.33 11.60 -4.24
C LEU D 25 6.79 11.27 -3.90
N VAL D 26 7.39 12.06 -3.00
CA VAL D 26 8.78 11.83 -2.60
C VAL D 26 8.97 10.45 -1.97
N GLY D 27 8.23 10.18 -0.90
CA GLY D 27 8.24 8.88 -0.25
C GLY D 27 7.95 7.73 -1.20
N THR D 28 6.83 7.80 -1.93
CA THR D 28 6.48 6.72 -2.87
C THR D 28 7.60 6.45 -3.87
N ILE D 29 8.14 7.48 -4.49
CA ILE D 29 9.23 7.28 -5.44
C ILE D 29 10.40 6.57 -4.80
N ILE D 30 10.86 7.07 -3.65
CA ILE D 30 11.98 6.45 -2.94
C ILE D 30 11.69 4.97 -2.66
N LYS D 31 10.52 4.69 -2.08
CA LYS D 31 10.13 3.31 -1.76
C LYS D 31 10.21 2.40 -3.00
N ARG D 32 9.83 2.92 -4.16
CA ARG D 32 9.89 2.16 -5.39
C ARG D 32 11.33 1.74 -5.65
N PHE D 33 12.25 2.67 -5.42
CA PHE D 33 13.66 2.44 -5.68
C PHE D 33 14.29 1.51 -4.66
N GLU D 34 13.89 1.67 -3.38
CA GLU D 34 14.40 0.84 -2.30
C GLU D 34 13.98 -0.60 -2.48
N LYS D 35 12.72 -0.81 -2.88
CA LYS D 35 12.17 -2.17 -2.96
C LYS D 35 12.75 -2.95 -4.14
N LYS D 36 13.29 -2.23 -5.12
CA LYS D 36 14.01 -2.85 -6.24
C LYS D 36 15.38 -3.41 -5.83
N GLY D 37 15.85 -3.04 -4.64
CA GLY D 37 17.10 -3.55 -4.12
C GLY D 37 18.23 -2.60 -4.37
N TYR D 38 17.91 -1.34 -4.66
CA TYR D 38 18.94 -0.35 -4.99
C TYR D 38 19.39 0.44 -3.76
N LYS D 39 20.56 1.05 -3.85
CA LYS D 39 21.22 1.69 -2.70
C LYS D 39 21.28 3.20 -2.84
N LEU D 40 20.55 3.88 -1.95
CA LEU D 40 20.58 5.34 -1.87
C LEU D 40 21.90 5.77 -1.21
N ILE D 41 22.70 6.56 -1.93
CA ILE D 41 23.99 7.02 -1.39
C ILE D 41 24.09 8.53 -1.25
N ALA D 42 23.15 9.26 -1.88
CA ALA D 42 23.10 10.71 -1.75
C ALA D 42 21.71 11.26 -2.01
N ILE D 43 21.30 12.18 -1.14
CA ILE D 43 20.01 12.86 -1.26
C ILE D 43 20.08 14.27 -0.67
N LYS D 44 19.46 15.21 -1.36
CA LYS D 44 19.43 16.59 -0.88
C LYS D 44 18.26 17.33 -1.51
N MET D 45 17.72 18.28 -0.74
CA MET D 45 16.68 19.17 -1.25
C MET D 45 17.25 20.56 -1.38
N LEU D 46 17.03 21.15 -2.55
CA LEU D 46 17.50 22.50 -2.86
C LEU D 46 16.65 23.17 -3.95
N ASN D 47 16.69 24.50 -3.98
CA ASN D 47 16.14 25.28 -5.08
C ASN D 47 17.28 25.56 -6.07
N PRO D 48 17.28 24.86 -7.20
CA PRO D 48 18.46 24.79 -8.07
C PRO D 48 18.78 26.14 -8.69
N THR D 49 20.04 26.57 -8.59
CA THR D 49 20.47 27.85 -9.16
C THR D 49 20.26 27.84 -10.68
N GLU D 50 19.48 28.81 -11.17
CA GLU D 50 19.29 29.02 -12.61
C GLU D 50 20.62 28.80 -13.34
N GLU D 51 21.68 29.40 -12.79
CA GLU D 51 23.06 29.24 -13.28
C GLU D 51 23.50 27.78 -13.35
N ILE D 52 23.44 27.09 -12.22
CA ILE D 52 23.93 25.72 -12.10
C ILE D 52 22.95 24.68 -12.68
N LEU D 53 21.69 25.08 -12.80
CA LEU D 53 20.66 24.29 -13.46
C LEU D 53 20.80 24.38 -14.98
N LYS D 54 21.41 25.46 -15.46
CA LYS D 54 21.58 25.70 -16.90
C LYS D 54 22.38 24.60 -17.59
N GLU D 55 23.41 24.09 -16.91
CA GLU D 55 24.29 23.05 -17.46
C GLU D 55 23.63 21.68 -17.53
N HIS D 56 22.50 21.51 -16.84
CA HIS D 56 21.73 20.26 -16.88
C HIS D 56 21.07 20.03 -18.23
N TYR D 57 20.81 21.10 -18.97
CA TYR D 57 20.22 21.01 -20.30
C TYR D 57 21.19 21.47 -21.39
N LYS D 58 22.45 21.64 -21.01
CA LYS D 58 23.50 22.11 -21.92
C LYS D 58 23.65 21.20 -23.14
N GLU D 59 23.24 19.95 -23.00
CA GLU D 59 23.35 18.98 -24.08
C GLU D 59 22.10 18.95 -24.98
N LEU D 60 20.98 19.48 -24.48
CA LEU D 60 19.72 19.41 -25.21
C LEU D 60 19.12 20.78 -25.56
N SER D 61 19.88 21.85 -25.30
CA SER D 61 19.42 23.23 -25.50
C SER D 61 18.69 23.49 -26.83
N ASP D 62 19.09 22.76 -27.87
CA ASP D 62 18.46 22.80 -29.19
C ASP D 62 17.04 22.22 -29.16
N GLN D 63 16.20 22.81 -28.30
CA GLN D 63 14.81 22.43 -28.15
C GLN D 63 13.94 23.68 -27.97
N PRO D 64 12.75 23.69 -28.59
CA PRO D 64 11.84 24.86 -28.52
C PRO D 64 11.52 25.33 -27.10
N PHE D 65 11.16 24.40 -26.22
CA PHE D 65 10.80 24.70 -24.83
C PHE D 65 12.02 24.52 -23.93
N PHE D 66 12.83 25.57 -23.81
CA PHE D 66 14.05 25.53 -22.99
C PHE D 66 14.01 26.57 -21.88
N LYS D 67 13.50 27.76 -22.20
CA LYS D 67 13.46 28.87 -21.25
C LYS D 67 12.39 28.67 -20.18
N ASN D 68 11.31 27.98 -20.56
CA ASN D 68 10.18 27.73 -19.67
C ASN D 68 10.51 26.71 -18.58
N LEU D 69 11.38 25.75 -18.91
CA LEU D 69 11.79 24.72 -17.96
C LEU D 69 12.74 25.26 -16.89
N VAL D 70 13.75 26.03 -17.31
CA VAL D 70 14.71 26.66 -16.38
C VAL D 70 14.03 27.70 -15.47
N ALA D 71 12.72 27.83 -15.62
CA ALA D 71 11.89 28.69 -14.78
C ALA D 71 11.05 27.88 -13.80
N TYR D 72 10.28 26.91 -14.32
CA TYR D 72 9.40 26.10 -13.49
C TYR D 72 10.16 25.19 -12.53
N ILE D 73 11.42 24.92 -12.86
CA ILE D 73 12.29 24.09 -12.02
C ILE D 73 12.97 24.90 -10.91
N SER D 74 13.67 25.96 -11.29
CA SER D 74 14.48 26.74 -10.34
C SER D 74 13.68 27.29 -9.17
N LYS D 75 12.41 27.61 -9.44
CA LYS D 75 11.52 28.17 -8.43
C LYS D 75 11.03 27.10 -7.48
N GLY D 76 10.51 25.99 -8.04
CA GLY D 76 9.97 24.90 -7.25
C GLY D 76 11.06 24.14 -6.52
N PRO D 77 10.67 23.33 -5.54
CA PRO D 77 11.63 22.53 -4.76
C PRO D 77 12.04 21.30 -5.56
N VAL D 78 13.24 20.80 -5.33
CA VAL D 78 13.72 19.60 -6.03
C VAL D 78 14.46 18.68 -5.05
N VAL D 79 14.23 17.38 -5.18
CA VAL D 79 14.97 16.39 -4.40
C VAL D 79 15.97 15.66 -5.29
N ALA D 80 17.24 16.00 -5.16
CA ALA D 80 18.27 15.39 -5.97
C ALA D 80 18.74 14.12 -5.29
N MET D 81 18.99 13.07 -6.07
CA MET D 81 19.39 11.79 -5.53
C MET D 81 20.46 11.12 -6.36
N VAL D 82 21.27 10.29 -5.73
CA VAL D 82 22.13 9.35 -6.42
C VAL D 82 21.84 7.96 -5.88
N TRP D 83 21.54 7.03 -6.78
CA TRP D 83 21.32 5.62 -6.42
C TRP D 83 22.37 4.73 -7.07
N GLU D 84 22.76 3.68 -6.36
CA GLU D 84 23.83 2.81 -6.78
C GLU D 84 23.29 1.39 -6.92
N GLY D 85 23.83 0.62 -7.86
CA GLY D 85 23.47 -0.76 -8.02
C GLY D 85 23.64 -1.26 -9.44
N VAL D 86 23.58 -2.59 -9.62
CA VAL D 86 23.74 -3.24 -10.93
C VAL D 86 22.76 -2.71 -11.96
N ASP D 87 23.27 -2.32 -13.12
CA ASP D 87 22.46 -1.76 -14.19
C ASP D 87 21.54 -0.66 -13.65
N MET D 88 22.11 0.29 -12.93
CA MET D 88 21.35 1.34 -12.26
C MET D 88 20.69 2.29 -13.26
N VAL D 89 21.44 2.73 -14.27
CA VAL D 89 20.96 3.72 -15.23
C VAL D 89 19.72 3.23 -15.99
N LYS D 90 19.81 2.03 -16.56
CA LYS D 90 18.72 1.51 -17.40
C LYS D 90 17.51 1.18 -16.56
N GLN D 91 17.75 0.56 -15.41
CA GLN D 91 16.67 0.17 -14.52
C GLN D 91 15.93 1.37 -13.93
N GLY D 92 16.68 2.43 -13.63
CA GLY D 92 16.10 3.67 -13.18
C GLY D 92 15.18 4.20 -14.24
N ARG D 93 15.66 4.22 -15.48
CA ARG D 93 14.84 4.69 -16.59
C ARG D 93 13.63 3.78 -16.78
N LYS D 94 13.82 2.48 -16.56
CA LYS D 94 12.74 1.49 -16.62
C LYS D 94 11.66 1.80 -15.57
N LEU D 95 12.12 2.09 -14.35
CA LEU D 95 11.25 2.40 -13.20
C LEU D 95 10.48 3.69 -13.41
N ILE D 96 11.12 4.63 -14.10
CA ILE D 96 10.54 5.94 -14.42
C ILE D 96 9.52 5.84 -15.56
N GLY D 97 9.94 5.23 -16.68
CA GLY D 97 9.13 5.10 -17.87
C GLY D 97 9.63 5.99 -18.98
N GLU D 98 8.88 6.01 -20.09
CA GLU D 98 9.15 6.90 -21.23
C GLU D 98 9.02 8.39 -20.86
N THR D 99 9.54 9.26 -21.74
CA THR D 99 9.46 10.72 -21.57
C THR D 99 8.00 11.18 -21.46
N ASN D 100 7.18 10.76 -22.43
CA ASN D 100 5.75 11.05 -22.45
C ASN D 100 4.98 10.03 -21.62
N PRO D 101 4.40 10.46 -20.50
CA PRO D 101 3.63 9.57 -19.61
C PRO D 101 2.36 8.93 -20.23
N LEU D 102 1.94 9.38 -21.42
CA LEU D 102 0.85 8.76 -22.18
C LEU D 102 1.32 7.43 -22.81
N THR D 103 2.55 7.42 -23.34
CA THR D 103 3.11 6.25 -24.00
C THR D 103 3.87 5.35 -23.01
N SER D 104 4.09 5.87 -21.80
CA SER D 104 4.80 5.15 -20.74
C SER D 104 3.91 4.08 -20.10
N ASN D 105 4.47 2.89 -19.92
CA ASN D 105 3.74 1.71 -19.44
C ASN D 105 3.31 1.81 -17.98
N THR D 106 2.19 1.16 -17.65
CA THR D 106 1.69 1.13 -16.27
C THR D 106 2.64 0.31 -15.42
N GLY D 107 2.80 0.72 -14.17
CA GLY D 107 3.78 0.13 -13.27
C GLY D 107 4.90 1.13 -13.04
N THR D 108 5.21 1.94 -14.05
CA THR D 108 6.25 2.97 -13.92
C THR D 108 5.72 4.20 -13.18
N ILE D 109 6.64 4.99 -12.62
CA ILE D 109 6.29 6.23 -11.92
C ILE D 109 5.50 7.18 -12.84
N ARG D 110 6.05 7.46 -14.01
CA ARG D 110 5.39 8.36 -14.96
C ARG D 110 4.09 7.77 -15.54
N GLY D 111 4.01 6.44 -15.61
CA GLY D 111 2.81 5.77 -16.09
C GLY D 111 1.76 5.56 -15.01
N ASP D 112 2.14 5.72 -13.75
CA ASP D 112 1.23 5.61 -12.63
C ASP D 112 0.71 6.98 -12.18
N PHE D 113 1.55 8.01 -12.34
CA PHE D 113 1.30 9.32 -11.72
C PHE D 113 1.21 10.54 -12.65
N CYS D 114 1.71 10.43 -13.89
CA CYS D 114 1.79 11.61 -14.75
C CYS D 114 0.94 11.55 -16.02
N LEU D 115 0.65 12.75 -16.54
CA LEU D 115 -0.17 12.91 -17.73
C LEU D 115 0.55 13.69 -18.83
N GLU D 116 1.29 14.72 -18.45
CA GLU D 116 1.94 15.63 -19.41
C GLU D 116 3.46 15.62 -19.29
N VAL D 117 4.13 15.71 -20.45
CA VAL D 117 5.59 15.67 -20.55
C VAL D 117 6.26 16.85 -19.84
N SER D 118 5.53 17.96 -19.72
CA SER D 118 6.02 19.12 -18.98
C SER D 118 6.05 18.87 -17.48
N LYS D 119 5.13 18.04 -16.99
CA LYS D 119 5.11 17.71 -15.58
C LYS D 119 5.16 16.20 -15.35
N ASN D 120 6.36 15.63 -15.45
CA ASN D 120 6.53 14.18 -15.27
C ASN D 120 7.31 13.79 -14.01
N VAL D 121 7.21 14.65 -12.99
CA VAL D 121 7.71 14.43 -11.62
C VAL D 121 9.17 14.04 -11.41
N ILE D 122 9.76 13.29 -12.33
CA ILE D 122 11.11 12.80 -12.08
C ILE D 122 12.04 12.89 -13.28
N HIS D 123 13.33 13.01 -13.00
CA HIS D 123 14.36 12.86 -14.02
C HIS D 123 15.18 11.61 -13.72
N GLY D 124 15.57 10.91 -14.79
CA GLY D 124 16.54 9.85 -14.68
C GLY D 124 17.60 10.01 -15.74
N SER D 125 18.84 9.66 -15.41
CA SER D 125 19.96 9.72 -16.34
C SER D 125 19.71 8.80 -17.53
N ASP D 126 20.01 9.27 -18.74
CA ASP D 126 19.73 8.50 -19.95
C ASP D 126 20.84 7.50 -20.32
N SER D 127 22.07 7.80 -19.92
CA SER D 127 23.20 6.87 -20.09
C SER D 127 24.18 6.96 -18.91
N VAL D 128 25.08 5.99 -18.80
CA VAL D 128 26.14 5.99 -17.78
C VAL D 128 27.03 7.22 -17.89
N ALA D 129 27.35 7.62 -19.13
CA ALA D 129 28.19 8.78 -19.36
C ALA D 129 27.48 10.05 -18.92
N SER D 130 26.18 10.11 -19.19
CA SER D 130 25.34 11.23 -18.79
C SER D 130 25.17 11.28 -17.28
N ALA D 131 25.13 10.10 -16.66
CA ALA D 131 24.97 9.97 -15.21
C ALA D 131 26.15 10.56 -14.45
N ASN D 132 27.36 10.11 -14.81
CA ASN D 132 28.61 10.55 -14.18
C ASN D 132 28.80 12.06 -14.24
N LYS D 133 28.39 12.65 -15.36
CA LYS D 133 28.43 14.10 -15.51
C LYS D 133 27.39 14.77 -14.61
N GLU D 134 26.18 14.21 -14.58
CA GLU D 134 25.11 14.80 -13.79
C GLU D 134 25.34 14.72 -12.27
N ILE D 135 25.90 13.60 -11.81
CA ILE D 135 26.30 13.44 -10.41
C ILE D 135 27.28 14.54 -9.98
N ASN D 136 28.30 14.76 -10.81
CA ASN D 136 29.38 15.73 -10.58
C ASN D 136 28.87 17.15 -10.41
N ILE D 137 27.88 17.51 -11.22
CA ILE D 137 27.37 18.88 -11.19
C ILE D 137 26.41 19.12 -10.04
N TRP D 138 25.69 18.07 -9.63
CA TRP D 138 24.69 18.20 -8.58
C TRP D 138 25.22 17.94 -7.17
N PHE D 139 26.21 17.07 -7.07
CA PHE D 139 26.74 16.71 -5.76
C PHE D 139 28.23 16.90 -5.65
N LYS D 140 28.69 17.12 -4.42
CA LYS D 140 30.11 17.13 -4.12
C LYS D 140 30.49 15.70 -3.82
N ALA D 141 31.77 15.37 -3.99
CA ALA D 141 32.28 14.03 -3.65
C ALA D 141 31.96 13.67 -2.19
N GLU D 142 32.18 14.63 -1.29
CA GLU D 142 31.93 14.43 0.13
C GLU D 142 30.47 14.06 0.39
N GLU D 143 29.57 14.52 -0.47
CA GLU D 143 28.13 14.28 -0.32
C GLU D 143 27.75 12.81 -0.50
N LEU D 144 28.39 12.16 -1.47
CA LEU D 144 28.14 10.74 -1.73
C LEU D 144 28.65 9.91 -0.56
N THR D 145 27.72 9.28 0.15
CA THR D 145 28.05 8.57 1.39
C THR D 145 28.40 7.12 1.13
N GLN D 146 29.48 6.65 1.75
CA GLN D 146 29.88 5.26 1.61
C GLN D 146 29.33 4.43 2.78
N TRP D 147 28.53 3.42 2.45
CA TRP D 147 28.01 2.49 3.46
C TRP D 147 27.85 1.09 2.90
N LYS D 148 28.03 0.10 3.78
CA LYS D 148 27.88 -1.30 3.41
C LYS D 148 26.40 -1.66 3.51
N HIS D 149 25.80 -2.04 2.37
CA HIS D 149 24.41 -2.50 2.35
C HIS D 149 24.37 -3.92 2.87
N HIS D 150 23.72 -4.13 4.02
CA HIS D 150 23.69 -5.46 4.60
C HIS D 150 22.94 -6.45 3.71
N MET D 151 21.92 -5.96 3.01
CA MET D 151 21.07 -6.80 2.18
C MET D 151 21.64 -7.14 0.79
N LYS D 152 22.74 -6.50 0.41
CA LYS D 152 23.30 -6.72 -0.92
C LYS D 152 23.66 -8.18 -1.16
N GLU D 153 24.00 -8.90 -0.09
CA GLU D 153 24.27 -10.34 -0.17
C GLU D 153 23.10 -11.08 -0.85
N TRP D 154 21.87 -10.65 -0.55
CA TRP D 154 20.63 -11.33 -0.95
C TRP D 154 19.95 -10.69 -2.15
N ILE D 155 20.62 -9.71 -2.74
CA ILE D 155 20.11 -9.06 -3.96
C ILE D 155 21.08 -9.30 -5.11
N CYS D 156 22.38 -9.39 -4.79
CA CYS D 156 23.48 -9.60 -5.74
C CYS D 156 24.23 -10.92 -5.55
N SER D 157 25.30 -11.10 -6.32
CA SER D 157 26.16 -12.29 -6.23
C SER D 157 26.69 -12.56 -4.80
N MET E 9 -11.53 19.99 -20.63
CA MET E 9 -10.61 18.86 -20.98
C MET E 9 -11.35 17.55 -21.30
N GLU E 10 -10.58 16.56 -21.76
CA GLU E 10 -11.12 15.26 -22.19
C GLU E 10 -11.75 14.47 -21.03
N LYS E 11 -12.98 14.02 -21.23
CA LYS E 11 -13.67 13.23 -20.20
C LYS E 11 -13.89 11.80 -20.65
N SER E 12 -13.84 10.87 -19.69
CA SER E 12 -14.13 9.46 -19.95
C SER E 12 -15.09 8.86 -18.91
N PHE E 13 -15.84 7.85 -19.31
CA PHE E 13 -16.74 7.18 -18.40
C PHE E 13 -16.14 5.89 -17.92
N ILE E 14 -15.95 5.80 -16.61
CA ILE E 14 -15.41 4.61 -15.96
C ILE E 14 -16.44 4.08 -14.97
N MET E 15 -16.76 2.80 -15.11
CA MET E 15 -17.79 2.19 -14.30
C MET E 15 -17.26 0.94 -13.64
N ILE E 16 -17.24 0.91 -12.30
CA ILE E 16 -16.93 -0.31 -11.55
C ILE E 16 -18.11 -1.28 -11.63
N LYS E 17 -17.91 -2.40 -12.34
CA LYS E 17 -18.94 -3.43 -12.50
C LYS E 17 -19.29 -4.08 -11.16
N PRO E 18 -20.44 -4.75 -11.06
CA PRO E 18 -20.85 -5.39 -9.79
C PRO E 18 -19.75 -6.19 -9.07
N ASP E 19 -18.99 -6.97 -9.84
CA ASP E 19 -17.96 -7.83 -9.27
C ASP E 19 -16.83 -7.01 -8.65
N GLY E 20 -16.60 -5.82 -9.20
CA GLY E 20 -15.69 -4.86 -8.62
C GLY E 20 -16.13 -4.44 -7.22
N VAL E 21 -17.42 -4.14 -7.08
CA VAL E 21 -17.95 -3.66 -5.80
C VAL E 21 -17.99 -4.78 -4.77
N GLN E 22 -18.28 -5.98 -5.24
CA GLN E 22 -18.42 -7.15 -4.36
C GLN E 22 -17.09 -7.51 -3.72
N ARG E 23 -16.03 -7.35 -4.52
CA ARG E 23 -14.68 -7.71 -4.17
C ARG E 23 -13.97 -6.59 -3.42
N GLY E 24 -14.69 -5.49 -3.17
CA GLY E 24 -14.13 -4.36 -2.45
C GLY E 24 -12.96 -3.71 -3.17
N LEU E 25 -13.14 -3.37 -4.43
CA LEU E 25 -12.06 -2.74 -5.21
C LEU E 25 -12.43 -1.31 -5.60
N VAL E 26 -13.52 -0.81 -5.05
CA VAL E 26 -13.94 0.56 -5.34
C VAL E 26 -12.86 1.58 -4.95
N GLY E 27 -12.48 1.60 -3.67
CA GLY E 27 -11.39 2.44 -3.18
C GLY E 27 -10.10 2.28 -3.96
N THR E 28 -9.60 1.05 -4.05
CA THR E 28 -8.41 0.77 -4.84
C THR E 28 -8.45 1.31 -6.26
N ILE E 29 -9.54 1.08 -6.98
CA ILE E 29 -9.64 1.56 -8.35
C ILE E 29 -9.58 3.08 -8.41
N ILE E 30 -10.34 3.75 -7.54
CA ILE E 30 -10.33 5.21 -7.51
C ILE E 30 -8.91 5.72 -7.20
N LYS E 31 -8.29 5.15 -6.16
CA LYS E 31 -6.93 5.51 -5.78
C LYS E 31 -5.98 5.48 -7.00
N ARG E 32 -6.11 4.45 -7.82
CA ARG E 32 -5.28 4.32 -9.01
C ARG E 32 -5.47 5.50 -9.95
N PHE E 33 -6.71 5.95 -10.11
CA PHE E 33 -7.02 7.05 -11.02
C PHE E 33 -6.61 8.37 -10.44
N GLU E 34 -6.78 8.52 -9.14
CA GLU E 34 -6.41 9.75 -8.44
C GLU E 34 -4.90 9.96 -8.55
N LYS E 35 -4.13 8.90 -8.28
CA LYS E 35 -2.66 8.95 -8.26
C LYS E 35 -2.06 9.32 -9.62
N LYS E 36 -2.79 9.00 -10.70
CA LYS E 36 -2.43 9.33 -12.07
C LYS E 36 -2.46 10.83 -12.33
N GLY E 37 -3.13 11.56 -11.45
CA GLY E 37 -3.29 13.00 -11.60
C GLY E 37 -4.60 13.35 -12.31
N TYR E 38 -5.55 12.43 -12.31
CA TYR E 38 -6.82 12.65 -12.97
C TYR E 38 -7.86 13.28 -12.05
N LYS E 39 -8.91 13.83 -12.65
CA LYS E 39 -9.90 14.62 -11.94
C LYS E 39 -11.28 13.94 -11.92
N LEU E 40 -11.70 13.48 -10.73
CA LEU E 40 -13.03 12.92 -10.54
C LEU E 40 -14.05 14.06 -10.52
N ILE E 41 -15.01 14.00 -11.44
CA ILE E 41 -15.99 15.07 -11.57
C ILE E 41 -17.43 14.57 -11.36
N ALA E 42 -17.61 13.26 -11.45
CA ALA E 42 -18.91 12.67 -11.18
C ALA E 42 -18.79 11.23 -10.69
N ILE E 43 -19.59 10.90 -9.67
CA ILE E 43 -19.62 9.56 -9.09
C ILE E 43 -21.01 9.26 -8.51
N LYS E 44 -21.53 8.06 -8.81
CA LYS E 44 -22.81 7.66 -8.28
C LYS E 44 -22.93 6.14 -8.20
N MET E 45 -23.66 5.66 -7.20
CA MET E 45 -23.97 4.25 -7.09
C MET E 45 -25.43 4.01 -7.39
N LEU E 46 -25.69 3.02 -8.23
CA LEU E 46 -27.02 2.75 -8.78
C LEU E 46 -27.17 1.28 -9.19
N ASN E 47 -28.39 0.76 -9.11
CA ASN E 47 -28.72 -0.52 -9.75
C ASN E 47 -29.30 -0.18 -11.11
N PRO E 48 -28.51 -0.32 -12.17
CA PRO E 48 -28.87 0.25 -13.47
C PRO E 48 -30.07 -0.44 -14.11
N THR E 49 -30.94 0.34 -14.73
CA THR E 49 -32.08 -0.22 -15.45
C THR E 49 -31.61 -1.06 -16.62
N GLU E 50 -32.38 -2.09 -16.95
CA GLU E 50 -32.14 -2.90 -18.15
C GLU E 50 -32.34 -2.04 -19.41
N GLU E 51 -32.85 -0.82 -19.21
CA GLU E 51 -33.09 0.12 -20.29
C GLU E 51 -32.00 1.18 -20.39
N ILE E 52 -31.37 1.52 -19.27
CA ILE E 52 -30.15 2.36 -19.29
C ILE E 52 -28.98 1.55 -19.85
N LEU E 53 -28.96 0.26 -19.55
CA LEU E 53 -27.93 -0.66 -20.03
C LEU E 53 -28.10 -1.02 -21.50
N LYS E 54 -29.35 -1.03 -21.96
CA LYS E 54 -29.70 -1.27 -23.35
C LYS E 54 -29.05 -0.22 -24.26
N GLU E 55 -28.99 1.01 -23.77
CA GLU E 55 -28.40 2.13 -24.50
C GLU E 55 -26.88 2.26 -24.33
N HIS E 56 -26.38 1.95 -23.13
CA HIS E 56 -24.93 1.94 -22.88
C HIS E 56 -24.24 0.93 -23.80
N TYR E 57 -24.78 -0.28 -23.85
CA TYR E 57 -24.23 -1.31 -24.72
C TYR E 57 -25.03 -1.42 -26.01
N LYS E 58 -25.17 -0.29 -26.71
CA LYS E 58 -25.78 -0.27 -28.04
C LYS E 58 -24.77 -0.72 -29.08
N GLU E 59 -23.50 -0.35 -28.87
CA GLU E 59 -22.40 -0.77 -29.72
C GLU E 59 -22.24 -2.30 -29.70
N LEU E 60 -22.44 -2.88 -28.51
CA LEU E 60 -22.24 -4.31 -28.28
C LEU E 60 -23.55 -5.10 -28.37
N SER E 61 -24.60 -4.45 -28.85
CA SER E 61 -25.86 -5.14 -29.16
C SER E 61 -25.59 -6.14 -30.27
N ASP E 62 -24.42 -5.99 -30.88
CA ASP E 62 -23.94 -6.86 -31.96
C ASP E 62 -22.93 -7.88 -31.43
N GLN E 63 -23.35 -8.64 -30.41
CA GLN E 63 -22.53 -9.68 -29.80
C GLN E 63 -23.39 -10.91 -29.48
N PRO E 64 -22.85 -12.11 -29.70
CA PRO E 64 -23.61 -13.36 -29.48
C PRO E 64 -24.17 -13.50 -28.07
N PHE E 65 -23.35 -13.26 -27.06
CA PHE E 65 -23.80 -13.35 -25.65
C PHE E 65 -24.16 -11.96 -25.11
N PHE E 66 -25.43 -11.61 -25.26
CA PHE E 66 -25.95 -10.30 -24.88
C PHE E 66 -27.08 -10.47 -23.87
N LYS E 67 -27.92 -11.49 -24.10
CA LYS E 67 -29.05 -11.81 -23.24
C LYS E 67 -28.63 -12.18 -21.82
N ASN E 68 -27.35 -12.48 -21.63
CA ASN E 68 -26.81 -12.73 -20.30
C ASN E 68 -26.22 -11.49 -19.63
N LEU E 69 -25.68 -10.58 -20.45
CA LEU E 69 -24.92 -9.42 -19.98
C LEU E 69 -25.78 -8.36 -19.28
N VAL E 70 -26.87 -7.97 -19.93
CA VAL E 70 -27.72 -6.87 -19.46
C VAL E 70 -28.35 -7.16 -18.11
N ALA E 71 -28.96 -8.34 -17.98
CA ALA E 71 -29.58 -8.78 -16.75
C ALA E 71 -28.57 -8.81 -15.60
N TYR E 72 -27.34 -9.21 -15.93
CA TYR E 72 -26.26 -9.30 -14.95
C TYR E 72 -25.99 -7.96 -14.27
N ILE E 73 -25.47 -7.00 -15.04
CA ILE E 73 -25.07 -5.72 -14.46
C ILE E 73 -26.25 -4.98 -13.81
N SER E 74 -27.46 -5.21 -14.33
CA SER E 74 -28.67 -4.61 -13.79
C SER E 74 -28.96 -5.06 -12.38
N LYS E 75 -28.54 -6.27 -12.05
CA LYS E 75 -28.80 -6.85 -10.75
C LYS E 75 -27.86 -6.24 -9.71
N GLY E 76 -26.57 -6.61 -9.79
CA GLY E 76 -25.56 -6.19 -8.84
C GLY E 76 -25.39 -4.69 -8.78
N PRO E 77 -24.68 -4.19 -7.76
CA PRO E 77 -24.42 -2.75 -7.64
C PRO E 77 -23.37 -2.27 -8.66
N VAL E 78 -23.43 -0.99 -9.02
CA VAL E 78 -22.54 -0.41 -10.01
C VAL E 78 -22.11 0.96 -9.49
N VAL E 79 -20.82 1.28 -9.61
CA VAL E 79 -20.35 2.65 -9.31
C VAL E 79 -19.94 3.37 -10.59
N ALA E 80 -20.82 4.27 -11.04
CA ALA E 80 -20.61 4.98 -12.30
C ALA E 80 -19.74 6.21 -12.03
N MET E 81 -18.81 6.52 -12.92
CA MET E 81 -17.93 7.68 -12.72
C MET E 81 -17.64 8.39 -14.01
N VAL E 82 -17.31 9.67 -13.89
CA VAL E 82 -16.68 10.42 -14.98
C VAL E 82 -15.39 10.99 -14.44
N TRP E 83 -14.31 10.78 -15.20
CA TRP E 83 -13.01 11.35 -14.88
C TRP E 83 -12.57 12.26 -16.02
N GLU E 84 -11.90 13.36 -15.65
CA GLU E 84 -11.46 14.38 -16.58
C GLU E 84 -9.94 14.52 -16.55
N GLY E 85 -9.36 14.86 -17.70
CA GLY E 85 -7.92 15.06 -17.81
C GLY E 85 -7.38 14.77 -19.20
N VAL E 86 -6.13 15.20 -19.43
CA VAL E 86 -5.52 15.04 -20.75
C VAL E 86 -5.38 13.57 -21.13
N ASP E 87 -5.75 13.30 -22.38
CA ASP E 87 -5.84 11.94 -22.91
C ASP E 87 -6.49 10.98 -21.92
N MET E 88 -7.66 11.38 -21.46
CA MET E 88 -8.41 10.63 -20.47
C MET E 88 -8.85 9.25 -20.95
N VAL E 89 -9.42 9.20 -22.15
CA VAL E 89 -9.99 7.96 -22.65
C VAL E 89 -8.92 6.88 -22.79
N LYS E 90 -7.83 7.20 -23.51
CA LYS E 90 -6.78 6.24 -23.77
C LYS E 90 -6.10 5.79 -22.48
N GLN E 91 -5.77 6.75 -21.61
CA GLN E 91 -5.05 6.42 -20.38
C GLN E 91 -5.90 5.61 -19.40
N GLY E 92 -7.20 5.86 -19.40
CA GLY E 92 -8.13 5.04 -18.62
C GLY E 92 -8.12 3.61 -19.12
N ARG E 93 -8.15 3.45 -20.43
CA ARG E 93 -8.09 2.13 -21.03
C ARG E 93 -6.77 1.47 -20.68
N LYS E 94 -5.71 2.27 -20.68
CA LYS E 94 -4.36 1.82 -20.33
C LYS E 94 -4.28 1.32 -18.89
N LEU E 95 -4.86 2.12 -17.98
CA LEU E 95 -4.97 1.78 -16.56
C LEU E 95 -5.79 0.53 -16.30
N ILE E 96 -6.80 0.33 -17.14
CA ILE E 96 -7.71 -0.80 -17.01
C ILE E 96 -7.07 -2.07 -17.56
N GLY E 97 -6.56 -1.97 -18.79
CA GLY E 97 -5.96 -3.11 -19.48
C GLY E 97 -6.82 -3.60 -20.63
N GLU E 98 -6.37 -4.68 -21.28
CA GLU E 98 -7.15 -5.35 -22.35
C GLU E 98 -8.47 -5.93 -21.82
N THR E 99 -9.33 -6.35 -22.76
CA THR E 99 -10.63 -6.92 -22.42
C THR E 99 -10.44 -8.19 -21.62
N ASN E 100 -9.60 -9.07 -22.15
CA ASN E 100 -9.26 -10.35 -21.54
C ASN E 100 -8.14 -10.17 -20.50
N PRO E 101 -8.45 -10.42 -19.23
CA PRO E 101 -7.51 -10.19 -18.12
C PRO E 101 -6.29 -11.12 -18.17
N LEU E 102 -6.34 -12.14 -19.02
CA LEU E 102 -5.22 -13.06 -19.18
C LEU E 102 -4.16 -12.46 -20.09
N THR E 103 -4.60 -11.71 -21.08
CA THR E 103 -3.68 -11.09 -22.03
C THR E 103 -3.31 -9.66 -21.62
N SER E 104 -4.02 -9.16 -20.60
CA SER E 104 -3.82 -7.85 -20.01
C SER E 104 -2.53 -7.79 -19.20
N ASN E 105 -1.71 -6.76 -19.39
CA ASN E 105 -0.41 -6.67 -18.68
C ASN E 105 -0.53 -6.38 -17.18
N THR E 106 0.49 -6.80 -16.44
CA THR E 106 0.57 -6.54 -14.99
C THR E 106 0.71 -5.05 -14.74
N GLY E 107 0.10 -4.56 -13.67
CA GLY E 107 0.11 -3.14 -13.37
C GLY E 107 -1.27 -2.55 -13.59
N THR E 108 -1.99 -3.11 -14.56
CA THR E 108 -3.36 -2.73 -14.85
C THR E 108 -4.33 -3.29 -13.83
N ILE E 109 -5.49 -2.67 -13.73
CA ILE E 109 -6.57 -3.15 -12.87
C ILE E 109 -6.99 -4.60 -13.22
N ARG E 110 -7.28 -4.83 -14.49
CA ARG E 110 -7.69 -6.15 -14.98
C ARG E 110 -6.57 -7.19 -14.90
N GLY E 111 -5.32 -6.74 -15.05
CA GLY E 111 -4.19 -7.64 -14.98
C GLY E 111 -3.71 -7.91 -13.57
N ASP E 112 -4.15 -7.11 -12.59
CA ASP E 112 -3.78 -7.33 -11.19
C ASP E 112 -4.89 -8.06 -10.43
N PHE E 113 -6.14 -7.85 -10.85
CA PHE E 113 -7.30 -8.35 -10.10
C PHE E 113 -8.25 -9.33 -10.83
N CYS E 114 -8.20 -9.41 -12.14
CA CYS E 114 -9.16 -10.27 -12.85
C CYS E 114 -8.60 -11.51 -13.57
N LEU E 115 -9.50 -12.44 -13.85
CA LEU E 115 -9.17 -13.72 -14.45
C LEU E 115 -9.98 -13.97 -15.72
N GLU E 116 -11.27 -13.63 -15.65
CA GLU E 116 -12.21 -13.92 -16.73
C GLU E 116 -12.83 -12.66 -17.33
N VAL E 117 -13.04 -12.69 -18.64
CA VAL E 117 -13.63 -11.55 -19.36
C VAL E 117 -15.06 -11.25 -18.89
N SER E 118 -15.78 -12.25 -18.40
CA SER E 118 -17.14 -12.01 -17.93
C SER E 118 -17.13 -11.23 -16.62
N LYS E 119 -16.04 -11.35 -15.88
CA LYS E 119 -15.88 -10.68 -14.60
C LYS E 119 -14.58 -9.87 -14.56
N ASN E 120 -14.59 -8.71 -15.22
CA ASN E 120 -13.40 -7.87 -15.33
C ASN E 120 -13.47 -6.55 -14.54
N VAL E 121 -14.35 -6.54 -13.53
CA VAL E 121 -14.53 -5.45 -12.56
C VAL E 121 -14.83 -4.00 -13.06
N ILE E 122 -14.30 -3.63 -14.21
CA ILE E 122 -14.41 -2.25 -14.65
C ILE E 122 -14.76 -2.12 -16.14
N HIS E 123 -15.42 -1.02 -16.46
CA HIS E 123 -15.63 -0.62 -17.83
C HIS E 123 -14.88 0.69 -18.07
N GLY E 124 -14.26 0.82 -19.23
CA GLY E 124 -13.71 2.09 -19.65
C GLY E 124 -14.14 2.38 -21.07
N SER E 125 -14.35 3.68 -21.36
CA SER E 125 -14.75 4.14 -22.68
C SER E 125 -13.68 3.81 -23.71
N ASP E 126 -14.11 3.34 -24.88
CA ASP E 126 -13.20 2.86 -25.93
C ASP E 126 -12.65 3.99 -26.81
N SER E 127 -13.47 5.02 -27.03
CA SER E 127 -13.08 6.24 -27.78
C SER E 127 -13.72 7.48 -27.18
N VAL E 128 -13.23 8.65 -27.57
CA VAL E 128 -13.79 9.91 -27.09
C VAL E 128 -15.25 10.08 -27.54
N ALA E 129 -15.58 9.58 -28.73
CA ALA E 129 -16.95 9.61 -29.25
C ALA E 129 -17.88 8.71 -28.43
N SER E 130 -17.36 7.54 -28.08
CA SER E 130 -18.04 6.58 -27.20
C SER E 130 -18.22 7.12 -25.78
N ALA E 131 -17.22 7.86 -25.30
CA ALA E 131 -17.25 8.45 -23.96
C ALA E 131 -18.37 9.47 -23.79
N ASN E 132 -18.39 10.46 -24.69
CA ASN E 132 -19.41 11.51 -24.65
C ASN E 132 -20.85 10.98 -24.70
N LYS E 133 -21.07 9.93 -25.49
CA LYS E 133 -22.36 9.25 -25.50
C LYS E 133 -22.65 8.57 -24.14
N GLU E 134 -21.67 7.85 -23.64
CA GLU E 134 -21.80 7.10 -22.38
C GLU E 134 -22.06 8.02 -21.19
N ILE E 135 -21.36 9.15 -21.11
CA ILE E 135 -21.56 10.12 -20.03
C ILE E 135 -23.01 10.64 -20.02
N ASN E 136 -23.53 10.96 -21.21
CA ASN E 136 -24.86 11.54 -21.31
C ASN E 136 -25.96 10.57 -20.90
N ILE E 137 -25.72 9.30 -21.14
CA ILE E 137 -26.69 8.26 -20.85
C ILE E 137 -26.72 7.95 -19.36
N TRP E 138 -25.55 8.02 -18.71
CA TRP E 138 -25.41 7.65 -17.30
C TRP E 138 -25.60 8.80 -16.34
N PHE E 139 -25.23 10.00 -16.77
CA PHE E 139 -25.27 11.18 -15.90
C PHE E 139 -26.11 12.31 -16.47
N LYS E 140 -26.69 13.10 -15.57
CA LYS E 140 -27.34 14.36 -15.90
C LYS E 140 -26.23 15.40 -15.95
N ALA E 141 -26.42 16.46 -16.72
CA ALA E 141 -25.42 17.53 -16.76
C ALA E 141 -25.19 18.13 -15.36
N GLU E 142 -26.27 18.27 -14.60
CA GLU E 142 -26.23 18.82 -13.24
C GLU E 142 -25.30 17.99 -12.35
N GLU E 143 -25.21 16.68 -12.65
CA GLU E 143 -24.40 15.75 -11.88
C GLU E 143 -22.91 16.01 -11.99
N LEU E 144 -22.46 16.32 -13.21
CA LEU E 144 -21.07 16.64 -13.47
C LEU E 144 -20.71 17.90 -12.70
N THR E 145 -19.85 17.79 -11.70
CA THR E 145 -19.54 18.96 -10.87
C THR E 145 -18.29 19.67 -11.33
N GLN E 146 -18.35 21.01 -11.35
CA GLN E 146 -17.20 21.79 -11.72
C GLN E 146 -16.43 22.23 -10.49
N TRP E 147 -15.15 21.90 -10.48
CA TRP E 147 -14.25 22.33 -9.41
C TRP E 147 -12.87 22.60 -9.97
N LYS E 148 -12.18 23.56 -9.37
CA LYS E 148 -10.80 23.85 -9.74
C LYS E 148 -9.87 22.87 -9.00
N HIS E 149 -9.15 22.05 -9.76
CA HIS E 149 -8.13 21.17 -9.18
C HIS E 149 -6.89 21.98 -8.84
N HIS E 150 -6.60 22.09 -7.56
CA HIS E 150 -5.45 22.87 -7.09
C HIS E 150 -4.15 22.32 -7.65
N MET E 151 -4.09 20.99 -7.73
CA MET E 151 -2.91 20.25 -8.15
C MET E 151 -2.62 20.28 -9.66
N LYS E 152 -3.59 20.71 -10.45
CA LYS E 152 -3.47 20.68 -11.91
C LYS E 152 -2.27 21.49 -12.42
N GLU E 153 -1.87 22.50 -11.67
CA GLU E 153 -0.66 23.29 -11.99
C GLU E 153 0.58 22.40 -12.09
N TRP E 154 0.64 21.37 -11.24
CA TRP E 154 1.81 20.52 -11.09
C TRP E 154 1.68 19.16 -11.82
N ILE E 155 0.59 19.02 -12.58
CA ILE E 155 0.32 17.82 -13.37
C ILE E 155 0.34 18.19 -14.86
N CYS E 156 -0.15 19.39 -15.14
CA CYS E 156 -0.34 19.93 -16.51
C CYS E 156 0.53 21.17 -16.76
N SER E 157 0.32 21.81 -17.92
CA SER E 157 0.95 23.10 -18.23
C SER E 157 -0.03 24.26 -18.06
N MET F 9 -9.82 -27.55 -11.06
CA MET F 9 -9.18 -26.36 -11.67
C MET F 9 -7.66 -26.53 -11.88
N GLU F 10 -7.07 -25.69 -12.73
CA GLU F 10 -5.64 -25.70 -13.00
C GLU F 10 -4.79 -25.32 -11.77
N LYS F 11 -3.79 -26.13 -11.45
CA LYS F 11 -2.93 -25.93 -10.29
C LYS F 11 -1.51 -25.59 -10.75
N SER F 12 -0.84 -24.70 -10.03
CA SER F 12 0.59 -24.43 -10.26
C SER F 12 1.37 -24.41 -8.95
N PHE F 13 2.65 -24.75 -9.03
CA PHE F 13 3.52 -24.73 -7.87
C PHE F 13 4.33 -23.45 -7.84
N ILE F 14 4.12 -22.68 -6.78
CA ILE F 14 4.83 -21.42 -6.58
C ILE F 14 5.66 -21.50 -5.30
N MET F 15 6.95 -21.17 -5.41
CA MET F 15 7.82 -21.33 -4.26
C MET F 15 8.63 -20.09 -4.06
N ILE F 16 8.49 -19.47 -2.90
CA ILE F 16 9.34 -18.34 -2.58
C ILE F 16 10.69 -18.87 -2.14
N LYS F 17 11.71 -18.54 -2.94
CA LYS F 17 13.09 -18.93 -2.67
C LYS F 17 13.63 -18.22 -1.42
N PRO F 18 14.79 -18.69 -0.90
CA PRO F 18 15.33 -18.18 0.38
C PRO F 18 15.51 -16.66 0.44
N ASP F 19 15.97 -16.05 -0.65
CA ASP F 19 16.14 -14.61 -0.72
C ASP F 19 14.81 -13.86 -0.63
N GLY F 20 13.74 -14.50 -1.08
CA GLY F 20 12.42 -13.95 -0.88
C GLY F 20 12.00 -13.86 0.57
N VAL F 21 12.30 -14.91 1.34
CA VAL F 21 11.96 -14.97 2.76
C VAL F 21 12.86 -14.02 3.53
N GLN F 22 14.11 -13.91 3.09
CA GLN F 22 15.11 -13.08 3.76
C GLN F 22 14.71 -11.61 3.74
N ARG F 23 14.21 -11.21 2.58
CA ARG F 23 13.84 -9.83 2.31
C ARG F 23 12.43 -9.48 2.77
N GLY F 24 11.78 -10.44 3.41
CA GLY F 24 10.42 -10.28 3.92
C GLY F 24 9.43 -9.99 2.82
N LEU F 25 9.42 -10.82 1.77
CA LEU F 25 8.50 -10.61 0.66
C LEU F 25 7.40 -11.66 0.63
N VAL F 26 7.33 -12.48 1.67
CA VAL F 26 6.35 -13.57 1.72
C VAL F 26 4.91 -13.04 1.68
N GLY F 27 4.55 -12.17 2.61
CA GLY F 27 3.24 -11.53 2.61
C GLY F 27 2.88 -10.84 1.28
N THR F 28 3.73 -9.90 0.89
CA THR F 28 3.66 -9.22 -0.39
C THR F 28 3.38 -10.15 -1.57
N ILE F 29 4.17 -11.22 -1.72
CA ILE F 29 3.95 -12.16 -2.80
C ILE F 29 2.55 -12.78 -2.73
N ILE F 30 2.22 -13.30 -1.55
CA ILE F 30 0.91 -13.92 -1.37
C ILE F 30 -0.20 -12.93 -1.70
N LYS F 31 -0.18 -11.75 -1.09
CA LYS F 31 -1.13 -10.70 -1.44
C LYS F 31 -1.36 -10.55 -2.95
N ARG F 32 -0.27 -10.60 -3.72
CA ARG F 32 -0.33 -10.37 -5.14
C ARG F 32 -1.17 -11.48 -5.76
N PHE F 33 -0.99 -12.69 -5.26
CA PHE F 33 -1.68 -13.84 -5.80
C PHE F 33 -3.14 -13.87 -5.34
N GLU F 34 -3.38 -13.46 -4.10
CA GLU F 34 -4.73 -13.39 -3.54
C GLU F 34 -5.57 -12.42 -4.36
N LYS F 35 -5.02 -11.22 -4.61
CA LYS F 35 -5.76 -10.11 -5.20
C LYS F 35 -6.13 -10.40 -6.68
N LYS F 36 -5.36 -11.31 -7.28
CA LYS F 36 -5.59 -11.78 -8.64
C LYS F 36 -6.86 -12.67 -8.71
N GLY F 37 -7.33 -13.13 -7.57
CA GLY F 37 -8.51 -13.98 -7.52
C GLY F 37 -8.17 -15.45 -7.50
N TYR F 38 -6.93 -15.75 -7.13
CA TYR F 38 -6.47 -17.14 -7.07
C TYR F 38 -6.65 -17.78 -5.71
N LYS F 39 -6.60 -19.10 -5.70
CA LYS F 39 -6.96 -19.92 -4.57
C LYS F 39 -5.75 -20.64 -4.00
N LEU F 40 -5.29 -20.22 -2.82
CA LEU F 40 -4.23 -20.94 -2.12
C LEU F 40 -4.83 -22.22 -1.55
N ILE F 41 -4.22 -23.36 -1.89
CA ILE F 41 -4.71 -24.66 -1.42
C ILE F 41 -3.67 -25.44 -0.62
N ALA F 42 -2.40 -25.03 -0.74
CA ALA F 42 -1.34 -25.60 0.08
C ALA F 42 -0.17 -24.67 0.26
N ILE F 43 0.37 -24.66 1.47
CA ILE F 43 1.52 -23.84 1.82
C ILE F 43 2.30 -24.51 2.95
N LYS F 44 3.62 -24.47 2.85
CA LYS F 44 4.47 -25.01 3.88
C LYS F 44 5.85 -24.41 3.85
N MET F 45 6.45 -24.27 5.03
CA MET F 45 7.83 -23.83 5.11
C MET F 45 8.73 -24.98 5.49
N LEU F 46 9.83 -25.10 4.76
CA LEU F 46 10.76 -26.22 4.87
C LEU F 46 12.18 -25.83 4.44
N ASN F 47 13.17 -26.52 4.98
CA ASN F 47 14.52 -26.46 4.44
C ASN F 47 14.70 -27.67 3.54
N PRO F 48 14.58 -27.49 2.23
CA PRO F 48 14.44 -28.60 1.30
C PRO F 48 15.63 -29.54 1.28
N THR F 49 15.36 -30.85 1.40
CA THR F 49 16.39 -31.88 1.40
C THR F 49 16.92 -32.15 0.01
N GLU F 50 18.19 -32.55 -0.08
CA GLU F 50 18.84 -32.85 -1.34
C GLU F 50 17.93 -33.69 -2.21
N GLU F 51 17.27 -34.67 -1.59
CA GLU F 51 16.38 -35.59 -2.28
C GLU F 51 15.35 -34.84 -3.10
N ILE F 52 14.55 -34.00 -2.45
CA ILE F 52 13.52 -33.23 -3.14
C ILE F 52 14.14 -32.36 -4.25
N LEU F 53 15.19 -31.64 -3.89
CA LEU F 53 15.82 -30.67 -4.78
C LEU F 53 16.45 -31.29 -6.02
N LYS F 54 16.85 -32.56 -5.93
CA LYS F 54 17.45 -33.26 -7.05
C LYS F 54 16.37 -33.61 -8.08
N GLU F 55 15.19 -33.96 -7.57
CA GLU F 55 14.04 -34.29 -8.40
C GLU F 55 13.40 -33.02 -8.98
N HIS F 56 13.29 -31.98 -8.16
CA HIS F 56 12.77 -30.68 -8.59
C HIS F 56 13.64 -30.05 -9.69
N TYR F 57 14.95 -30.20 -9.56
CA TYR F 57 15.90 -29.64 -10.50
C TYR F 57 16.56 -30.71 -11.36
N LYS F 58 15.80 -31.71 -11.77
CA LYS F 58 16.34 -32.82 -12.56
C LYS F 58 16.81 -32.38 -13.94
N GLU F 59 16.10 -31.40 -14.52
CA GLU F 59 16.41 -30.93 -15.86
C GLU F 59 17.73 -30.17 -15.92
N LEU F 60 18.16 -29.65 -14.77
CA LEU F 60 19.35 -28.81 -14.68
C LEU F 60 20.57 -29.59 -14.21
N SER F 61 20.59 -30.88 -14.51
CA SER F 61 21.74 -31.72 -14.22
C SER F 61 22.84 -31.51 -15.27
N ASP F 62 22.45 -30.98 -16.43
CA ASP F 62 23.41 -30.70 -17.49
C ASP F 62 23.94 -29.26 -17.42
N GLN F 63 24.34 -28.84 -16.23
CA GLN F 63 24.88 -27.52 -15.99
C GLN F 63 26.08 -27.61 -15.04
N PRO F 64 27.14 -26.84 -15.31
CA PRO F 64 28.35 -26.86 -14.49
C PRO F 64 28.10 -26.64 -13.00
N PHE F 65 27.35 -25.60 -12.64
CA PHE F 65 27.08 -25.37 -11.23
C PHE F 65 25.70 -25.87 -10.82
N PHE F 66 25.69 -27.12 -10.36
CA PHE F 66 24.48 -27.81 -9.96
C PHE F 66 24.57 -28.26 -8.50
N LYS F 67 25.77 -28.66 -8.08
CA LYS F 67 26.00 -29.13 -6.71
C LYS F 67 25.85 -28.00 -5.70
N ASN F 68 26.06 -26.77 -6.16
CA ASN F 68 25.89 -25.61 -5.30
C ASN F 68 24.46 -25.06 -5.33
N LEU F 69 23.75 -25.25 -6.45
CA LEU F 69 22.34 -24.86 -6.57
C LEU F 69 21.46 -25.68 -5.63
N VAL F 70 21.63 -27.01 -5.64
CA VAL F 70 20.92 -27.86 -4.70
C VAL F 70 21.42 -27.67 -3.27
N ALA F 71 22.41 -26.80 -3.09
CA ALA F 71 23.01 -26.58 -1.78
C ALA F 71 22.66 -25.22 -1.20
N TYR F 72 22.35 -24.25 -2.08
CA TYR F 72 21.92 -22.93 -1.66
C TYR F 72 20.49 -22.98 -1.16
N ILE F 73 19.61 -23.49 -2.01
CA ILE F 73 18.21 -23.67 -1.67
C ILE F 73 18.06 -24.67 -0.52
N SER F 74 18.92 -25.67 -0.49
CA SER F 74 18.97 -26.58 0.65
C SER F 74 19.29 -25.87 1.97
N LYS F 75 20.00 -24.74 1.91
CA LYS F 75 20.33 -24.04 3.13
C LYS F 75 19.18 -23.16 3.60
N GLY F 76 18.96 -22.05 2.88
CA GLY F 76 18.00 -21.01 3.25
C GLY F 76 16.60 -21.56 3.39
N PRO F 77 15.68 -20.76 3.92
CA PRO F 77 14.30 -21.21 4.12
C PRO F 77 13.54 -21.08 2.81
N VAL F 78 12.51 -21.89 2.63
CA VAL F 78 11.72 -21.85 1.41
C VAL F 78 10.23 -21.96 1.79
N VAL F 79 9.37 -21.18 1.13
CA VAL F 79 7.92 -21.32 1.33
C VAL F 79 7.31 -21.92 0.09
N ALA F 80 6.94 -23.20 0.19
CA ALA F 80 6.37 -23.90 -0.95
C ALA F 80 4.87 -23.70 -0.98
N MET F 81 4.30 -23.50 -2.17
CA MET F 81 2.87 -23.28 -2.30
C MET F 81 2.25 -23.96 -3.50
N VAL F 82 0.96 -24.23 -3.40
CA VAL F 82 0.16 -24.58 -4.57
C VAL F 82 -1.01 -23.61 -4.66
N TRP F 83 -1.20 -23.02 -5.84
CA TRP F 83 -2.32 -22.14 -6.09
C TRP F 83 -3.16 -22.74 -7.19
N GLU F 84 -4.48 -22.51 -7.11
CA GLU F 84 -5.49 -23.10 -8.00
C GLU F 84 -6.27 -21.98 -8.67
N GLY F 85 -6.68 -22.21 -9.90
CA GLY F 85 -7.47 -21.21 -10.63
C GLY F 85 -7.27 -21.29 -12.13
N VAL F 86 -8.20 -20.66 -12.87
CA VAL F 86 -8.19 -20.68 -14.34
C VAL F 86 -6.90 -20.07 -14.89
N ASP F 87 -6.28 -20.79 -15.83
CA ASP F 87 -5.00 -20.39 -16.42
C ASP F 87 -3.94 -20.07 -15.34
N MET F 88 -3.85 -20.96 -14.35
CA MET F 88 -2.98 -20.74 -13.19
C MET F 88 -1.49 -20.71 -13.53
N VAL F 89 -1.05 -21.67 -14.34
CA VAL F 89 0.37 -21.77 -14.67
C VAL F 89 0.88 -20.51 -15.38
N LYS F 90 0.19 -20.10 -16.45
CA LYS F 90 0.60 -18.96 -17.29
C LYS F 90 0.52 -17.66 -16.53
N GLN F 91 -0.56 -17.50 -15.77
CA GLN F 91 -0.80 -16.26 -15.04
C GLN F 91 0.21 -16.10 -13.91
N GLY F 92 0.59 -17.21 -13.30
CA GLY F 92 1.60 -17.23 -12.26
C GLY F 92 2.93 -16.78 -12.83
N ARG F 93 3.26 -17.32 -14.00
CA ARG F 93 4.45 -16.94 -14.75
C ARG F 93 4.40 -15.44 -15.04
N LYS F 94 3.22 -14.96 -15.43
CA LYS F 94 3.02 -13.56 -15.79
C LYS F 94 3.21 -12.66 -14.57
N LEU F 95 2.69 -13.09 -13.43
CA LEU F 95 2.77 -12.34 -12.19
C LEU F 95 4.20 -12.30 -11.66
N ILE F 96 4.95 -13.35 -11.98
CA ILE F 96 6.34 -13.48 -11.58
C ILE F 96 7.29 -12.67 -12.48
N GLY F 97 7.15 -12.86 -13.79
CA GLY F 97 7.96 -12.15 -14.78
C GLY F 97 8.95 -13.08 -15.46
N GLU F 98 9.78 -12.52 -16.35
CA GLU F 98 10.87 -13.24 -17.00
C GLU F 98 11.87 -13.80 -15.99
N THR F 99 12.72 -14.71 -16.43
CA THR F 99 13.75 -15.30 -15.57
C THR F 99 14.74 -14.24 -15.11
N ASN F 100 15.17 -13.40 -16.04
CA ASN F 100 16.09 -12.32 -15.77
C ASN F 100 15.28 -11.09 -15.38
N PRO F 101 15.40 -10.65 -14.12
CA PRO F 101 14.62 -9.50 -13.61
C PRO F 101 14.97 -8.17 -14.26
N LEU F 102 16.02 -8.14 -15.08
CA LEU F 102 16.38 -6.93 -15.80
C LEU F 102 15.49 -6.76 -17.03
N THR F 103 15.15 -7.88 -17.68
CA THR F 103 14.29 -7.87 -18.86
C THR F 103 12.82 -8.09 -18.52
N SER F 104 12.54 -8.42 -17.26
CA SER F 104 11.15 -8.59 -16.82
C SER F 104 10.46 -7.26 -16.57
N ASN F 105 9.19 -7.17 -16.99
CA ASN F 105 8.40 -5.93 -16.95
C ASN F 105 8.09 -5.46 -15.56
N THR F 106 7.95 -4.15 -15.38
CA THR F 106 7.51 -3.61 -14.10
C THR F 106 6.04 -3.98 -13.82
N GLY F 107 5.72 -4.18 -12.56
CA GLY F 107 4.41 -4.71 -12.16
C GLY F 107 4.57 -6.14 -11.70
N THR F 108 5.56 -6.84 -12.26
CA THR F 108 5.81 -8.21 -11.83
C THR F 108 6.66 -8.26 -10.54
N ILE F 109 6.60 -9.40 -9.83
CA ILE F 109 7.39 -9.62 -8.63
C ILE F 109 8.86 -9.39 -8.92
N ARG F 110 9.38 -10.12 -9.92
CA ARG F 110 10.79 -10.06 -10.27
C ARG F 110 11.19 -8.69 -10.80
N GLY F 111 10.28 -8.02 -11.51
CA GLY F 111 10.58 -6.71 -12.05
C GLY F 111 10.40 -5.57 -11.06
N ASP F 112 9.78 -5.86 -9.92
CA ASP F 112 9.59 -4.87 -8.88
C ASP F 112 10.62 -4.99 -7.79
N PHE F 113 11.10 -6.21 -7.58
CA PHE F 113 11.92 -6.53 -6.41
C PHE F 113 13.31 -7.12 -6.67
N CYS F 114 13.57 -7.60 -7.89
CA CYS F 114 14.81 -8.32 -8.14
C CYS F 114 15.73 -7.69 -9.17
N LEU F 115 17.01 -8.04 -9.09
CA LEU F 115 18.04 -7.51 -9.97
C LEU F 115 18.82 -8.60 -10.69
N GLU F 116 19.08 -9.72 -10.00
CA GLU F 116 19.93 -10.77 -10.53
C GLU F 116 19.21 -12.11 -10.65
N VAL F 117 19.49 -12.84 -11.73
CA VAL F 117 18.77 -14.10 -11.96
C VAL F 117 19.13 -15.19 -10.93
N SER F 118 20.27 -15.00 -10.26
CA SER F 118 20.68 -15.89 -9.17
C SER F 118 19.78 -15.72 -7.94
N LYS F 119 19.27 -14.48 -7.77
CA LYS F 119 18.42 -14.14 -6.64
C LYS F 119 17.12 -13.52 -7.14
N ASN F 120 16.20 -14.33 -7.65
CA ASN F 120 14.95 -13.77 -8.12
C ASN F 120 13.73 -14.20 -7.31
N VAL F 121 13.96 -14.40 -6.01
CA VAL F 121 12.93 -14.62 -4.97
C VAL F 121 11.90 -15.73 -5.16
N ILE F 122 11.48 -16.01 -6.38
CA ILE F 122 10.38 -16.93 -6.55
C ILE F 122 10.57 -17.88 -7.71
N HIS F 123 9.99 -19.07 -7.59
CA HIS F 123 9.85 -19.98 -8.71
C HIS F 123 8.38 -20.13 -9.11
N GLY F 124 8.14 -20.21 -10.41
CA GLY F 124 6.83 -20.56 -10.90
C GLY F 124 6.96 -21.68 -11.91
N SER F 125 5.97 -22.56 -11.96
CA SER F 125 5.96 -23.68 -12.89
C SER F 125 5.89 -23.16 -14.31
N ASP F 126 6.62 -23.79 -15.24
CA ASP F 126 6.70 -23.29 -16.62
C ASP F 126 5.62 -23.84 -17.54
N SER F 127 5.12 -25.02 -17.21
CA SER F 127 4.03 -25.66 -17.94
C SER F 127 3.10 -26.41 -17.00
N VAL F 128 1.88 -26.71 -17.45
CA VAL F 128 0.95 -27.55 -16.70
C VAL F 128 1.55 -28.92 -16.37
N ALA F 129 2.25 -29.50 -17.32
CA ALA F 129 2.88 -30.81 -17.13
C ALA F 129 3.98 -30.73 -16.07
N SER F 130 4.75 -29.64 -16.11
CA SER F 130 5.80 -29.34 -15.14
C SER F 130 5.23 -29.12 -13.77
N ALA F 131 4.08 -28.46 -13.73
CA ALA F 131 3.39 -28.14 -12.49
C ALA F 131 2.98 -29.39 -11.73
N ASN F 132 2.25 -30.28 -12.40
CA ASN F 132 1.75 -31.51 -11.77
C ASN F 132 2.85 -32.38 -11.20
N LYS F 133 3.98 -32.40 -11.91
CA LYS F 133 5.18 -33.08 -11.46
C LYS F 133 5.74 -32.40 -10.19
N GLU F 134 5.85 -31.07 -10.25
CA GLU F 134 6.39 -30.28 -9.14
C GLU F 134 5.55 -30.41 -7.86
N ILE F 135 4.23 -30.35 -8.01
CA ILE F 135 3.31 -30.46 -6.89
C ILE F 135 3.50 -31.79 -6.17
N ASN F 136 3.61 -32.87 -6.94
CA ASN F 136 3.72 -34.23 -6.40
C ASN F 136 5.00 -34.45 -5.60
N ILE F 137 6.08 -33.81 -6.03
CA ILE F 137 7.37 -33.95 -5.35
C ILE F 137 7.45 -33.13 -4.06
N TRP F 138 6.81 -31.96 -4.05
CA TRP F 138 6.87 -31.06 -2.91
C TRP F 138 5.80 -31.32 -1.85
N PHE F 139 4.62 -31.76 -2.28
CA PHE F 139 3.51 -31.92 -1.37
C PHE F 139 2.97 -33.33 -1.41
N LYS F 140 2.37 -33.75 -0.30
CA LYS F 140 1.62 -34.98 -0.23
C LYS F 140 0.18 -34.63 -0.59
N ALA F 141 -0.58 -35.60 -1.11
CA ALA F 141 -1.96 -35.34 -1.48
C ALA F 141 -2.81 -34.85 -0.29
N GLU F 142 -2.54 -35.38 0.90
CA GLU F 142 -3.22 -34.95 2.11
C GLU F 142 -3.00 -33.47 2.41
N GLU F 143 -1.88 -32.94 1.96
CA GLU F 143 -1.55 -31.54 2.25
C GLU F 143 -2.37 -30.55 1.43
N LEU F 144 -2.69 -30.92 0.20
CA LEU F 144 -3.59 -30.13 -0.66
C LEU F 144 -4.99 -30.06 -0.05
N THR F 145 -5.36 -28.88 0.44
CA THR F 145 -6.62 -28.72 1.18
C THR F 145 -7.78 -28.34 0.28
N GLN F 146 -8.89 -29.06 0.43
CA GLN F 146 -10.09 -28.77 -0.35
C GLN F 146 -10.95 -27.80 0.43
N TRP F 147 -11.27 -26.66 -0.20
CA TRP F 147 -12.23 -25.70 0.36
C TRP F 147 -12.98 -24.96 -0.73
N LYS F 148 -14.20 -24.55 -0.40
CA LYS F 148 -15.05 -23.81 -1.32
C LYS F 148 -14.69 -22.34 -1.20
N HIS F 149 -14.20 -21.74 -2.29
CA HIS F 149 -13.95 -20.30 -2.28
C HIS F 149 -15.25 -19.54 -2.48
N HIS F 150 -15.63 -18.77 -1.47
CA HIS F 150 -16.90 -18.06 -1.49
C HIS F 150 -16.93 -17.08 -2.66
N MET F 151 -15.79 -16.45 -2.92
CA MET F 151 -15.69 -15.38 -3.90
C MET F 151 -15.57 -15.84 -5.34
N LYS F 152 -15.41 -17.14 -5.57
CA LYS F 152 -15.22 -17.66 -6.92
C LYS F 152 -16.39 -17.39 -7.84
N GLU F 153 -17.59 -17.24 -7.27
CA GLU F 153 -18.77 -16.79 -8.01
C GLU F 153 -18.50 -15.50 -8.78
N TRP F 154 -17.77 -14.59 -8.15
CA TRP F 154 -17.56 -13.23 -8.65
C TRP F 154 -16.20 -13.02 -9.33
N ILE F 155 -15.46 -14.11 -9.49
CA ILE F 155 -14.20 -14.07 -10.24
C ILE F 155 -14.30 -14.94 -11.51
N CYS F 156 -15.12 -16.01 -11.42
CA CYS F 156 -15.34 -16.95 -12.51
C CYS F 156 -16.79 -17.00 -13.02
N SER F 157 -17.04 -17.86 -14.01
CA SER F 157 -18.34 -17.95 -14.68
C SER F 157 -19.50 -18.29 -13.72
#